data_7OKS
#
_entry.id   7OKS
#
_cell.length_a   78.437
_cell.length_b   94.019
_cell.length_c   124.595
_cell.angle_alpha   90.000
_cell.angle_beta   90.000
_cell.angle_gamma   90.000
#
_symmetry.space_group_name_H-M   'P 21 21 21'
#
loop_
_entity.id
_entity.type
_entity.pdbx_description
1 polymer 'Endothelial protein C receptor'
2 branched alpha-L-fucopyranose-(1-6)-2-acetamido-2-deoxy-beta-D-glucopyranose
3 branched 2-acetamido-2-deoxy-beta-D-glucopyranose-(1-4)-2-acetamido-2-deoxy-beta-D-glucopyranose
4 branched 2-acetamido-2-deoxy-beta-D-glucopyranose-(5-4)-2-acetamido-2-deoxy-beta-D-glucopyranose
5 branched alpha-D-mannopyranose-(1-3)-beta-D-mannopyranose-(1-4)-2-acetamido-2-deoxy-beta-D-glucopyranose-(1-4)-2-acetamido-2-deoxy-beta-D-glucopyranose
6 non-polymer PHOSPHATIDYLETHANOLAMINE
7 non-polymer 1,2-ETHANEDIOL
8 water water
#
_entity_poly.entity_id   1
_entity_poly.type   'polypeptide(L)'
_entity_poly.pdbx_seq_one_letter_code
;SQDASDGLQRLHMLQISYFRDPYHVWYQGNASLGGHLTHVLEGPDTNTTIIQLQPLQEPESWARTQSGLQSYLLQFHGLV
RLVHQERTLAFPLTIRCFLGCELPPEGSRAHVFFEVAVNGSSFVSFRPERALWQADTQVTSGVVTFTLQQLNAYNRTRYE
LREFLEDTCVQYVQKHISAENTKGSQTSRSYTS
;
_entity_poly.pdbx_strand_id   A,B,C,D
#
loop_
_chem_comp.id
_chem_comp.type
_chem_comp.name
_chem_comp.formula
BMA D-saccharide, beta linking beta-D-mannopyranose 'C6 H12 O6'
EDO non-polymer 1,2-ETHANEDIOL 'C2 H6 O2'
FUC L-saccharide, alpha linking alpha-L-fucopyranose 'C6 H12 O5'
MAN D-saccharide, alpha linking alpha-D-mannopyranose 'C6 H12 O6'
NAG D-saccharide, beta linking 2-acetamido-2-deoxy-beta-D-glucopyranose 'C8 H15 N O6'
PTY non-polymer PHOSPHATIDYLETHANOLAMINE 'C40 H80 N O8 P'
#
# COMPACT_ATOMS: atom_id res chain seq x y z
N LEU A 8 -28.15 -12.99 -13.17
CA LEU A 8 -27.45 -12.67 -14.42
C LEU A 8 -27.09 -13.93 -15.21
N GLN A 9 -26.63 -13.71 -16.44
CA GLN A 9 -26.07 -14.73 -17.32
C GLN A 9 -24.55 -14.65 -17.19
N ARG A 10 -23.94 -15.70 -16.67
CA ARG A 10 -22.55 -15.61 -16.25
C ARG A 10 -21.76 -16.85 -16.64
N LEU A 11 -20.50 -16.64 -16.99
CA LEU A 11 -19.52 -17.72 -17.04
C LEU A 11 -18.41 -17.38 -16.07
N HIS A 12 -18.23 -18.23 -15.06
CA HIS A 12 -17.14 -18.10 -14.09
C HIS A 12 -16.14 -19.22 -14.30
N MET A 13 -14.86 -18.86 -14.25
CA MET A 13 -13.76 -19.83 -14.41
C MET A 13 -12.84 -19.70 -13.22
N LEU A 14 -12.45 -20.84 -12.69
CA LEU A 14 -11.62 -20.86 -11.49
C LEU A 14 -10.46 -21.80 -11.72
N GLN A 15 -9.25 -21.31 -11.47
CA GLN A 15 -8.03 -22.10 -11.68
C GLN A 15 -7.21 -22.03 -10.39
N ILE A 16 -6.99 -23.18 -9.75
CA ILE A 16 -6.06 -23.28 -8.65
C ILE A 16 -4.79 -23.93 -9.18
N SER A 17 -3.64 -23.29 -8.94
CA SER A 17 -2.38 -23.81 -9.43
C SER A 17 -1.48 -24.09 -8.23
N TYR A 18 -1.09 -25.36 -8.03
CA TYR A 18 -0.24 -25.77 -6.91
C TYR A 18 1.18 -25.94 -7.43
N PHE A 19 2.07 -25.04 -7.02
CA PHE A 19 3.47 -25.09 -7.41
C PHE A 19 4.24 -25.70 -6.27
N ARG A 20 4.83 -26.88 -6.51
CA ARG A 20 5.81 -27.44 -5.59
C ARG A 20 7.16 -26.76 -5.75
N ASP A 21 7.44 -26.31 -6.96
CA ASP A 21 8.68 -25.66 -7.36
C ASP A 21 8.39 -24.95 -8.68
N PRO A 22 9.34 -24.17 -9.20
CA PRO A 22 9.02 -23.35 -10.39
C PRO A 22 8.59 -24.16 -11.58
N TYR A 23 9.08 -25.40 -11.71
CA TYR A 23 8.95 -26.15 -12.94
C TYR A 23 7.81 -27.14 -12.96
N HIS A 24 7.18 -27.41 -11.82
CA HIS A 24 6.15 -28.43 -11.75
C HIS A 24 4.91 -27.90 -11.06
N VAL A 25 3.78 -27.92 -11.75
CA VAL A 25 2.54 -27.37 -11.22
C VAL A 25 1.43 -28.39 -11.43
N TRP A 26 0.54 -28.48 -10.47
CA TRP A 26 -0.69 -29.24 -10.58
C TRP A 26 -1.85 -28.27 -10.73
N TYR A 27 -2.64 -28.41 -11.78
CA TYR A 27 -3.80 -27.56 -11.98
C TYR A 27 -5.06 -28.22 -11.44
N GLN A 28 -5.89 -27.44 -10.77
CA GLN A 28 -7.25 -27.87 -10.47
C GLN A 28 -8.16 -26.68 -10.69
N GLY A 29 -9.17 -26.88 -11.53
CA GLY A 29 -10.07 -25.78 -11.81
C GLY A 29 -11.35 -26.25 -12.44
N ASN A 30 -12.25 -25.30 -12.65
CA ASN A 30 -13.55 -25.63 -13.22
C ASN A 30 -14.21 -24.35 -13.75
N ALA A 31 -15.29 -24.55 -14.47
CA ALA A 31 -16.05 -23.42 -14.96
C ALA A 31 -17.52 -23.70 -14.75
N SER A 32 -18.27 -22.65 -14.46
CA SER A 32 -19.71 -22.77 -14.30
C SER A 32 -20.37 -21.74 -15.17
N LEU A 33 -21.41 -22.19 -15.87
CA LEU A 33 -22.20 -21.36 -16.73
C LEU A 33 -23.63 -21.37 -16.19
N GLY A 34 -24.17 -20.19 -15.93
CA GLY A 34 -25.47 -20.08 -15.29
C GLY A 34 -25.57 -20.81 -13.97
N GLY A 35 -24.49 -20.91 -13.21
CA GLY A 35 -24.53 -21.61 -11.95
C GLY A 35 -24.43 -23.13 -12.05
N HIS A 36 -24.15 -23.66 -13.23
CA HIS A 36 -24.06 -25.09 -13.45
C HIS A 36 -22.61 -25.40 -13.78
N LEU A 37 -22.03 -26.37 -13.08
CA LEU A 37 -20.69 -26.83 -13.42
C LEU A 37 -20.64 -27.31 -14.87
N THR A 38 -19.71 -26.76 -15.67
CA THR A 38 -19.65 -27.14 -17.08
C THR A 38 -18.30 -27.68 -17.54
N HIS A 39 -17.22 -27.36 -16.85
CA HIS A 39 -15.89 -27.79 -17.29
C HIS A 39 -15.09 -28.12 -16.06
N VAL A 40 -14.17 -29.07 -16.21
CA VAL A 40 -13.24 -29.40 -15.15
C VAL A 40 -11.84 -29.48 -15.75
N LEU A 41 -10.89 -28.91 -15.02
CA LEU A 41 -9.48 -28.86 -15.35
C LEU A 41 -8.75 -29.56 -14.22
N GLU A 42 -7.85 -30.51 -14.54
CA GLU A 42 -7.12 -31.20 -13.47
C GLU A 42 -5.83 -31.80 -14.02
N GLY A 43 -4.74 -31.67 -13.25
CA GLY A 43 -3.55 -32.47 -13.54
C GLY A 43 -2.26 -31.68 -13.65
N PRO A 44 -1.14 -32.40 -13.83
CA PRO A 44 0.17 -31.73 -13.90
C PRO A 44 0.26 -30.91 -15.17
N ASP A 45 1.19 -29.94 -15.16
CA ASP A 45 1.34 -29.07 -16.32
C ASP A 45 1.70 -29.84 -17.57
N THR A 46 2.36 -30.99 -17.43
CA THR A 46 2.78 -31.70 -18.63
C THR A 46 1.69 -32.53 -19.28
N ASN A 47 0.59 -32.82 -18.57
CA ASN A 47 -0.50 -33.62 -19.13
C ASN A 47 -1.84 -33.24 -18.50
N THR A 48 -2.18 -31.97 -18.56
CA THR A 48 -3.39 -31.48 -17.92
C THR A 48 -4.62 -32.03 -18.62
N THR A 49 -5.65 -32.38 -17.84
CA THR A 49 -6.91 -32.84 -18.40
C THR A 49 -7.87 -31.68 -18.42
N ILE A 50 -8.53 -31.47 -19.56
CA ILE A 50 -9.56 -30.47 -19.69
C ILE A 50 -10.76 -31.06 -20.39
N ILE A 51 -11.92 -31.04 -19.73
CA ILE A 51 -13.13 -31.60 -20.33
C ILE A 51 -14.27 -30.60 -20.20
N GLN A 52 -15.16 -30.63 -21.19
CA GLN A 52 -16.50 -30.07 -21.06
C GLN A 52 -17.39 -31.22 -20.58
N LEU A 53 -18.14 -31.00 -19.50
CA LEU A 53 -18.97 -32.07 -18.94
C LEU A 53 -20.15 -32.40 -19.84
N GLN A 54 -20.74 -31.40 -20.47
CA GLN A 54 -21.74 -31.54 -21.51
C GLN A 54 -21.18 -31.09 -22.85
N PRO A 55 -21.56 -31.71 -23.96
CA PRO A 55 -20.92 -31.29 -25.23
C PRO A 55 -21.47 -29.97 -25.77
N LEU A 56 -21.17 -28.87 -25.07
CA LEU A 56 -21.69 -27.59 -25.52
C LEU A 56 -21.04 -27.15 -26.82
N GLN A 57 -19.76 -27.42 -26.98
CA GLN A 57 -19.06 -27.12 -28.22
C GLN A 57 -18.88 -28.36 -29.08
N GLU A 58 -19.10 -28.22 -30.37
CA GLU A 58 -18.80 -29.25 -31.36
C GLU A 58 -17.29 -29.47 -31.46
N PRO A 59 -16.86 -30.63 -32.00
CA PRO A 59 -15.43 -31.00 -31.89
C PRO A 59 -14.44 -29.96 -32.40
N GLU A 60 -14.70 -29.32 -33.55
CA GLU A 60 -13.77 -28.32 -34.05
C GLU A 60 -13.69 -27.11 -33.14
N SER A 61 -14.84 -26.64 -32.69
CA SER A 61 -14.84 -25.54 -31.74
C SER A 61 -14.20 -25.95 -30.42
N TRP A 62 -14.51 -27.16 -29.94
CA TRP A 62 -13.94 -27.59 -28.67
C TRP A 62 -12.42 -27.74 -28.78
N ALA A 63 -11.93 -28.25 -29.91
CA ALA A 63 -10.49 -28.39 -30.08
C ALA A 63 -9.78 -27.04 -30.05
N ARG A 64 -10.35 -26.03 -30.69
CA ARG A 64 -9.75 -24.71 -30.62
C ARG A 64 -9.74 -24.20 -29.18
N THR A 65 -10.86 -24.34 -28.49
CA THR A 65 -10.95 -23.87 -27.11
C THR A 65 -9.93 -24.58 -26.22
N GLN A 66 -9.82 -25.91 -26.36
CA GLN A 66 -8.82 -26.67 -25.60
C GLN A 66 -7.41 -26.20 -25.91
N SER A 67 -7.12 -25.95 -27.19
CA SER A 67 -5.80 -25.45 -27.58
C SER A 67 -5.53 -24.09 -26.95
N GLY A 68 -6.53 -23.21 -26.94
CA GLY A 68 -6.34 -21.92 -26.32
C GLY A 68 -6.12 -22.00 -24.83
N LEU A 69 -6.88 -22.87 -24.15
CA LEU A 69 -6.68 -23.03 -22.72
C LEU A 69 -5.27 -23.52 -22.43
N GLN A 70 -4.81 -24.51 -23.21
CA GLN A 70 -3.45 -25.04 -23.03
C GLN A 70 -2.42 -23.95 -23.27
N SER A 71 -2.64 -23.10 -24.28
CA SER A 71 -1.75 -21.97 -24.53
C SER A 71 -1.78 -21.00 -23.36
N TYR A 72 -2.97 -20.76 -22.79
CA TYR A 72 -3.03 -19.91 -21.62
C TYR A 72 -2.19 -20.48 -20.49
N LEU A 73 -2.32 -21.80 -20.22
CA LEU A 73 -1.58 -22.38 -19.12
C LEU A 73 -0.09 -22.29 -19.36
N LEU A 74 0.36 -22.49 -20.61
CA LEU A 74 1.78 -22.35 -20.91
C LEU A 74 2.25 -20.94 -20.59
N GLN A 75 1.45 -19.93 -20.94
CA GLN A 75 1.83 -18.54 -20.68
C GLN A 75 1.81 -18.26 -19.19
N PHE A 76 0.77 -18.74 -18.52
CA PHE A 76 0.64 -18.57 -17.07
C PHE A 76 1.85 -19.15 -16.35
N HIS A 77 2.21 -20.40 -16.69
CA HIS A 77 3.36 -21.03 -16.06
C HIS A 77 4.66 -20.31 -16.43
N GLY A 78 4.79 -19.88 -17.68
CA GLY A 78 5.99 -19.13 -18.06
C GLY A 78 6.14 -17.85 -17.25
N LEU A 79 5.03 -17.17 -16.97
CA LEU A 79 5.10 -15.94 -16.17
C LEU A 79 5.55 -16.23 -14.75
N VAL A 80 4.99 -17.27 -14.11
CA VAL A 80 5.41 -17.63 -12.76
C VAL A 80 6.89 -17.96 -12.75
N ARG A 81 7.36 -18.73 -13.75
CA ARG A 81 8.77 -19.05 -13.78
C ARG A 81 9.60 -17.78 -13.91
N LEU A 82 9.16 -16.84 -14.75
CA LEU A 82 9.92 -15.60 -14.94
C LEU A 82 9.99 -14.77 -13.65
N VAL A 83 8.86 -14.63 -12.95
CA VAL A 83 8.86 -13.88 -11.69
C VAL A 83 9.82 -14.53 -10.70
N HIS A 84 9.77 -15.86 -10.57
CA HIS A 84 10.71 -16.54 -9.70
C HIS A 84 12.12 -16.29 -10.14
N GLN A 85 12.38 -16.41 -11.45
CA GLN A 85 13.73 -16.27 -11.97
C GLN A 85 14.30 -14.89 -11.65
N GLU A 86 13.46 -13.86 -11.71
CA GLU A 86 13.96 -12.49 -11.53
C GLU A 86 13.84 -11.99 -10.10
N ARG A 87 12.86 -12.48 -9.33
CA ARG A 87 12.58 -11.94 -7.99
C ARG A 87 12.51 -12.98 -6.87
N THR A 88 12.66 -14.28 -7.16
CA THR A 88 12.71 -15.32 -6.11
C THR A 88 11.42 -15.55 -5.31
N LEU A 89 10.54 -16.41 -5.84
CA LEU A 89 9.32 -16.83 -5.15
C LEU A 89 9.59 -17.92 -4.10
N ALA A 90 8.77 -17.92 -3.03
CA ALA A 90 8.84 -18.94 -1.97
C ALA A 90 7.93 -20.12 -2.27
N PHE A 91 8.51 -21.31 -2.36
CA PHE A 91 7.71 -22.49 -2.67
C PHE A 91 7.56 -23.39 -1.45
N PRO A 92 6.50 -24.20 -1.37
CA PRO A 92 5.42 -24.36 -2.35
C PRO A 92 4.50 -23.16 -2.30
N LEU A 93 3.75 -22.90 -3.35
CA LEU A 93 2.77 -21.85 -3.27
C LEU A 93 1.58 -22.27 -4.11
N THR A 94 0.42 -21.68 -3.82
CA THR A 94 -0.75 -21.85 -4.66
C THR A 94 -1.20 -20.48 -5.16
N ILE A 95 -1.57 -20.50 -6.44
CA ILE A 95 -2.13 -19.34 -7.13
C ILE A 95 -3.57 -19.68 -7.48
N ARG A 96 -4.45 -18.73 -7.26
CA ARG A 96 -5.84 -18.84 -7.65
C ARG A 96 -6.15 -17.76 -8.66
N CYS A 97 -6.70 -18.15 -9.81
CA CYS A 97 -7.22 -17.21 -10.79
C CYS A 97 -8.73 -17.41 -10.88
N PHE A 98 -9.48 -16.33 -10.67
CA PHE A 98 -10.92 -16.32 -10.72
C PHE A 98 -11.32 -15.24 -11.71
N LEU A 99 -12.02 -15.65 -12.76
CA LEU A 99 -12.22 -14.74 -13.88
C LEU A 99 -13.54 -15.10 -14.52
N GLY A 100 -14.05 -14.18 -15.33
CA GLY A 100 -15.26 -14.47 -16.07
C GLY A 100 -15.96 -13.22 -16.54
N CYS A 101 -17.18 -13.44 -17.03
CA CYS A 101 -18.00 -12.38 -17.59
C CYS A 101 -19.44 -12.61 -17.16
N GLU A 102 -20.17 -11.50 -17.04
CA GLU A 102 -21.54 -11.49 -16.55
C GLU A 102 -22.36 -10.51 -17.37
N LEU A 103 -23.47 -11.00 -17.93
CA LEU A 103 -24.35 -10.28 -18.86
C LEU A 103 -25.68 -9.99 -18.20
N PRO A 104 -26.10 -8.74 -18.05
CA PRO A 104 -27.42 -8.45 -17.50
C PRO A 104 -28.52 -8.98 -18.41
N PRO A 105 -29.79 -8.87 -17.98
CA PRO A 105 -30.93 -9.21 -18.86
C PRO A 105 -31.04 -8.30 -20.08
N SER A 108 -26.54 -6.11 -23.48
CA SER A 108 -25.54 -5.42 -24.28
C SER A 108 -24.19 -5.28 -23.56
N ARG A 109 -24.21 -4.73 -22.35
CA ARG A 109 -22.98 -4.48 -21.61
C ARG A 109 -22.57 -5.72 -20.82
N ALA A 110 -21.28 -5.90 -20.62
CA ALA A 110 -20.81 -7.05 -19.87
C ALA A 110 -19.89 -6.58 -18.78
N HIS A 111 -20.00 -7.22 -17.63
CA HIS A 111 -19.05 -7.08 -16.56
C HIS A 111 -18.06 -8.22 -16.64
N VAL A 112 -16.76 -7.90 -16.66
CA VAL A 112 -15.72 -8.91 -16.72
C VAL A 112 -14.74 -8.66 -15.57
N PHE A 113 -14.02 -9.71 -15.20
CA PHE A 113 -13.14 -9.67 -14.03
C PHE A 113 -12.08 -10.75 -14.16
N PHE A 114 -10.96 -10.53 -13.47
CA PHE A 114 -9.87 -11.50 -13.42
C PHE A 114 -9.07 -11.17 -12.16
N GLU A 115 -9.21 -12.01 -11.14
CA GLU A 115 -8.60 -11.79 -9.85
C GLU A 115 -7.58 -12.88 -9.58
N VAL A 116 -6.42 -12.48 -9.09
CA VAL A 116 -5.34 -13.42 -8.82
C VAL A 116 -5.02 -13.35 -7.33
N ALA A 117 -4.99 -14.50 -6.67
CA ALA A 117 -4.56 -14.59 -5.29
C ALA A 117 -3.38 -15.54 -5.16
N VAL A 118 -2.53 -15.32 -4.17
CA VAL A 118 -1.38 -16.17 -3.92
C VAL A 118 -1.46 -16.66 -2.49
N ASN A 119 -1.41 -17.98 -2.30
CA ASN A 119 -1.49 -18.58 -0.97
C ASN A 119 -2.73 -18.09 -0.22
N GLY A 120 -3.81 -17.87 -0.96
CA GLY A 120 -5.08 -17.48 -0.39
C GLY A 120 -5.28 -16.00 -0.13
N SER A 121 -4.30 -15.14 -0.47
CA SER A 121 -4.42 -13.70 -0.23
C SER A 121 -4.47 -12.97 -1.57
N SER A 122 -5.33 -11.96 -1.68
CA SER A 122 -5.48 -11.24 -2.93
C SER A 122 -4.16 -10.62 -3.33
N PHE A 123 -3.81 -10.76 -4.61
CA PHE A 123 -2.48 -10.38 -5.07
C PHE A 123 -2.54 -9.29 -6.13
N VAL A 124 -3.14 -9.58 -7.29
CA VAL A 124 -3.35 -8.59 -8.34
C VAL A 124 -4.69 -8.90 -8.98
N SER A 125 -5.22 -7.89 -9.67
CA SER A 125 -6.45 -8.07 -10.43
C SER A 125 -6.45 -7.14 -11.65
N PHE A 126 -7.27 -7.53 -12.63
CA PHE A 126 -7.34 -6.87 -13.92
C PHE A 126 -8.47 -5.84 -13.91
N ARG A 127 -8.12 -4.60 -14.26
CA ARG A 127 -9.11 -3.54 -14.40
C ARG A 127 -9.38 -3.39 -15.89
N PRO A 128 -10.53 -3.86 -16.38
CA PRO A 128 -10.73 -3.90 -17.83
C PRO A 128 -10.96 -2.53 -18.46
N GLU A 129 -11.31 -1.50 -17.68
CA GLU A 129 -11.59 -0.18 -18.25
C GLU A 129 -10.41 0.32 -19.07
N ARG A 130 -9.19 0.16 -18.56
CA ARG A 130 -7.98 0.56 -19.26
C ARG A 130 -7.11 -0.63 -19.61
N ALA A 131 -7.59 -1.85 -19.37
CA ALA A 131 -6.86 -3.09 -19.64
C ALA A 131 -5.52 -3.10 -18.89
N LEU A 132 -5.59 -2.79 -17.60
CA LEU A 132 -4.43 -2.64 -16.73
C LEU A 132 -4.61 -3.50 -15.48
N TRP A 133 -3.49 -4.06 -15.02
CA TRP A 133 -3.45 -4.83 -13.79
C TRP A 133 -3.09 -3.92 -12.62
N GLN A 134 -3.74 -4.15 -11.49
CA GLN A 134 -3.54 -3.35 -10.29
C GLN A 134 -3.12 -4.26 -9.15
N ALA A 135 -2.45 -3.68 -8.16
CA ALA A 135 -2.14 -4.43 -6.96
C ALA A 135 -3.40 -4.59 -6.14
N ASP A 136 -3.61 -5.80 -5.63
CA ASP A 136 -4.72 -6.08 -4.74
C ASP A 136 -4.26 -6.28 -3.30
N THR A 137 -2.97 -6.16 -3.06
CA THR A 137 -2.40 -6.26 -1.72
C THR A 137 -1.91 -4.90 -1.26
N GLN A 138 -1.85 -4.76 0.06
CA GLN A 138 -1.16 -3.61 0.66
C GLN A 138 0.31 -3.90 0.89
N VAL A 139 0.70 -5.17 0.86
CA VAL A 139 2.07 -5.59 1.06
C VAL A 139 2.91 -5.21 -0.16
N THR A 140 3.93 -4.39 0.07
CA THR A 140 4.85 -4.03 -0.98
C THR A 140 5.90 -5.12 -1.11
N SER A 141 6.25 -5.48 -2.34
CA SER A 141 7.30 -6.45 -2.51
C SER A 141 7.87 -6.32 -3.90
N GLY A 142 9.08 -6.82 -4.06
CA GLY A 142 9.65 -6.91 -5.39
C GLY A 142 8.79 -7.76 -6.30
N VAL A 143 8.15 -8.79 -5.72
CA VAL A 143 7.36 -9.71 -6.52
C VAL A 143 6.12 -9.01 -7.11
N VAL A 144 5.38 -8.26 -6.30
CA VAL A 144 4.17 -7.64 -6.86
C VAL A 144 4.54 -6.57 -7.88
N THR A 145 5.54 -5.75 -7.58
CA THR A 145 5.90 -4.70 -8.53
C THR A 145 6.35 -5.30 -9.85
N PHE A 146 7.21 -6.32 -9.79
CA PHE A 146 7.70 -6.96 -11.01
C PHE A 146 6.58 -7.65 -11.78
N THR A 147 5.70 -8.38 -11.08
CA THR A 147 4.61 -9.03 -11.77
C THR A 147 3.72 -8.02 -12.49
N LEU A 148 3.37 -6.92 -11.81
CA LEU A 148 2.53 -5.90 -12.44
C LEU A 148 3.24 -5.30 -13.64
N GLN A 149 4.54 -5.02 -13.51
CA GLN A 149 5.32 -4.49 -14.65
C GLN A 149 5.26 -5.43 -15.85
N GLN A 150 5.40 -6.75 -15.63
CA GLN A 150 5.33 -7.71 -16.73
C GLN A 150 3.92 -7.78 -17.31
N LEU A 151 2.92 -7.88 -16.44
CA LEU A 151 1.53 -7.98 -16.89
C LEU A 151 1.11 -6.75 -17.67
N ASN A 152 1.61 -5.56 -17.29
CA ASN A 152 1.22 -4.32 -17.95
C ASN A 152 2.11 -3.95 -19.13
N ALA A 153 3.18 -4.71 -19.39
CA ALA A 153 4.09 -4.34 -20.47
C ALA A 153 3.68 -4.88 -21.83
N TYR A 154 2.77 -5.84 -21.90
CA TYR A 154 2.51 -6.57 -23.14
C TYR A 154 1.04 -6.56 -23.51
N ASN A 155 0.78 -6.43 -24.82
CA ASN A 155 -0.58 -6.55 -25.33
C ASN A 155 -1.24 -7.87 -24.92
N ARG A 156 -0.46 -8.94 -24.86
CA ARG A 156 -1.05 -10.26 -24.60
C ARG A 156 -1.77 -10.28 -23.25
N THR A 157 -1.20 -9.65 -22.24
CA THR A 157 -1.85 -9.63 -20.93
C THR A 157 -2.68 -8.37 -20.70
N ARG A 158 -2.82 -7.51 -21.71
CA ARG A 158 -3.72 -6.38 -21.50
C ARG A 158 -4.92 -6.45 -22.43
N TYR A 159 -4.69 -6.07 -23.70
CA TYR A 159 -5.82 -5.94 -24.62
C TYR A 159 -6.28 -7.31 -25.12
N GLU A 160 -5.35 -8.25 -25.28
CA GLU A 160 -5.74 -9.59 -25.71
C GLU A 160 -6.56 -10.29 -24.63
N LEU A 161 -6.15 -10.17 -23.36
CA LEU A 161 -6.96 -10.72 -22.29
C LEU A 161 -8.31 -10.02 -22.20
N ARG A 162 -8.32 -8.68 -22.38
CA ARG A 162 -9.61 -7.99 -22.36
C ARG A 162 -10.53 -8.52 -23.45
N GLU A 163 -9.99 -8.76 -24.65
CA GLU A 163 -10.80 -9.34 -25.71
C GLU A 163 -11.37 -10.69 -25.29
N PHE A 164 -10.55 -11.52 -24.66
CA PHE A 164 -11.04 -12.81 -24.21
C PHE A 164 -12.23 -12.65 -23.28
N LEU A 165 -12.11 -11.73 -22.31
CA LEU A 165 -13.18 -11.56 -21.34
C LEU A 165 -14.40 -10.90 -21.99
N GLU A 166 -14.18 -9.84 -22.77
CA GLU A 166 -15.31 -9.08 -23.27
C GLU A 166 -15.92 -9.67 -24.55
N ASP A 167 -15.16 -10.46 -25.31
CA ASP A 167 -15.68 -11.02 -26.54
C ASP A 167 -15.83 -12.55 -26.46
N THR A 168 -14.73 -13.27 -26.20
CA THR A 168 -14.82 -14.73 -26.26
C THR A 168 -15.76 -15.26 -25.18
N CYS A 169 -15.50 -14.87 -23.93
N CYS A 169 -15.53 -14.84 -23.93
CA CYS A 169 -16.37 -15.26 -22.80
CA CYS A 169 -16.02 -16.08 -21.99
CA CYS A 169 -16.38 -15.30 -22.84
C CYS A 169 -17.82 -14.85 -23.04
C CYS A 169 -17.83 -14.85 -23.02
N VAL A 170 -18.05 -13.60 -23.43
CA VAL A 170 -19.42 -13.12 -23.58
C VAL A 170 -20.15 -13.89 -24.67
N GLN A 171 -19.48 -14.11 -25.81
CA GLN A 171 -20.11 -14.87 -26.89
C GLN A 171 -20.36 -16.31 -26.45
N TYR A 172 -19.49 -16.87 -25.63
CA TYR A 172 -19.76 -18.21 -25.10
C TYR A 172 -21.04 -18.23 -24.27
N VAL A 173 -21.20 -17.27 -23.35
CA VAL A 173 -22.42 -17.19 -22.55
C VAL A 173 -23.63 -17.02 -23.44
N GLN A 174 -23.53 -16.12 -24.43
CA GLN A 174 -24.63 -15.86 -25.35
C GLN A 174 -24.99 -17.09 -26.16
N LYS A 175 -23.99 -17.87 -26.56
CA LYS A 175 -24.27 -19.06 -27.37
C LYS A 175 -24.85 -20.20 -26.53
N HIS A 176 -24.33 -20.42 -25.31
CA HIS A 176 -24.57 -21.67 -24.59
C HIS A 176 -25.41 -21.57 -23.33
N ILE A 177 -25.87 -20.39 -22.93
CA ILE A 177 -26.60 -20.35 -21.67
C ILE A 177 -28.06 -20.80 -21.81
N GLN B 9 14.27 21.83 20.73
CA GLN B 9 15.63 21.33 20.74
C GLN B 9 15.82 20.23 19.69
N ARG B 10 16.41 20.63 18.56
CA ARG B 10 16.49 19.79 17.37
C ARG B 10 17.80 20.05 16.65
N LEU B 11 18.39 19.01 16.08
CA LEU B 11 19.43 19.16 15.07
C LEU B 11 18.95 18.47 13.81
N HIS B 12 18.77 19.24 12.74
CA HIS B 12 18.40 18.71 11.44
C HIS B 12 19.58 18.83 10.48
N MET B 13 19.78 17.79 9.68
CA MET B 13 20.86 17.77 8.69
C MET B 13 20.28 17.38 7.34
N LEU B 14 20.71 18.09 6.31
CA LEU B 14 20.19 17.90 4.96
C LEU B 14 21.38 17.78 4.01
N GLN B 15 21.39 16.70 3.23
CA GLN B 15 22.50 16.47 2.30
C GLN B 15 21.88 16.25 0.94
N ILE B 16 22.20 17.11 -0.02
CA ILE B 16 21.83 16.91 -1.41
C ILE B 16 23.08 16.41 -2.13
N SER B 17 22.97 15.27 -2.81
CA SER B 17 24.11 14.67 -3.50
C SER B 17 23.81 14.62 -5.00
N TYR B 18 24.63 15.33 -5.80
CA TYR B 18 24.44 15.39 -7.24
C TYR B 18 25.43 14.44 -7.91
N PHE B 19 24.92 13.34 -8.49
CA PHE B 19 25.75 12.35 -9.15
C PHE B 19 25.66 12.60 -10.64
N ARG B 20 26.78 12.99 -11.24
CA ARG B 20 26.89 12.98 -12.69
C ARG B 20 27.09 11.58 -13.22
N ASP B 21 27.78 10.77 -12.45
CA ASP B 21 28.13 9.40 -12.82
C ASP B 21 28.50 8.71 -11.52
N PRO B 22 28.78 7.40 -11.52
CA PRO B 22 28.99 6.71 -10.24
C PRO B 22 30.18 7.24 -9.47
N TYR B 23 31.17 7.79 -10.15
CA TYR B 23 32.45 8.06 -9.52
C TYR B 23 32.64 9.51 -9.08
N HIS B 24 31.76 10.42 -9.48
CA HIS B 24 31.91 11.83 -9.16
C HIS B 24 30.60 12.39 -8.63
N VAL B 25 30.65 12.96 -7.42
CA VAL B 25 29.44 13.45 -6.79
C VAL B 25 29.74 14.84 -6.27
N TRP B 26 28.78 15.73 -6.34
CA TRP B 26 28.88 17.05 -5.72
C TRP B 26 27.93 17.12 -4.53
N TYR B 27 28.44 17.45 -3.36
CA TYR B 27 27.61 17.56 -2.17
C TYR B 27 27.20 19.00 -1.94
N GLN B 28 25.95 19.19 -1.53
CA GLN B 28 25.49 20.46 -1.00
C GLN B 28 24.64 20.12 0.20
N GLY B 29 24.98 20.68 1.36
CA GLY B 29 24.17 20.31 2.49
C GLY B 29 24.35 21.29 3.62
N ASN B 30 23.56 21.11 4.67
CA ASN B 30 23.63 22.06 5.77
C ASN B 30 22.98 21.43 6.98
N ALA B 31 23.20 22.06 8.12
CA ALA B 31 22.57 21.61 9.35
C ALA B 31 22.06 22.83 10.09
N SER B 32 20.98 22.61 10.82
CA SER B 32 20.36 23.63 11.65
C SER B 32 20.14 23.07 13.05
N LEU B 33 20.49 23.90 14.04
CA LEU B 33 20.35 23.60 15.45
C LEU B 33 19.37 24.60 16.04
N GLY B 34 18.35 24.10 16.73
CA GLY B 34 17.28 25.05 16.95
C GLY B 34 16.76 25.46 15.59
N GLY B 35 16.27 26.68 15.48
CA GLY B 35 15.90 26.99 14.13
C GLY B 35 17.01 27.55 13.24
N HIS B 36 18.27 27.46 13.64
CA HIS B 36 19.33 28.31 13.08
C HIS B 36 20.38 27.54 12.30
N LEU B 37 20.69 28.05 11.10
CA LEU B 37 21.76 27.46 10.28
C LEU B 37 23.06 27.45 11.07
N THR B 38 23.68 26.28 11.18
CA THR B 38 24.91 26.14 11.95
C THR B 38 26.06 25.55 11.17
N HIS B 39 25.80 24.82 10.08
CA HIS B 39 26.84 24.13 9.34
C HIS B 39 26.52 24.17 7.87
N VAL B 40 27.57 24.19 7.05
CA VAL B 40 27.44 24.15 5.60
C VAL B 40 28.43 23.14 5.06
N LEU B 41 27.97 22.32 4.12
CA LEU B 41 28.78 21.33 3.41
C LEU B 41 28.68 21.64 1.93
N GLU B 42 29.81 21.67 1.22
CA GLU B 42 29.72 21.94 -0.21
C GLU B 42 30.97 21.43 -0.92
N GLY B 43 30.77 20.82 -2.09
CA GLY B 43 31.89 20.53 -2.96
C GLY B 43 31.96 19.09 -3.44
N PRO B 44 32.91 18.82 -4.34
CA PRO B 44 33.03 17.47 -4.91
C PRO B 44 33.51 16.50 -3.84
N ASP B 45 33.30 15.19 -4.09
CA ASP B 45 33.69 14.20 -3.08
C ASP B 45 35.20 14.24 -2.78
N THR B 46 36.02 14.60 -3.75
CA THR B 46 37.45 14.69 -3.49
C THR B 46 37.87 16.02 -2.85
N ASN B 47 36.97 16.98 -2.74
CA ASN B 47 37.33 18.32 -2.23
C ASN B 47 36.19 18.96 -1.45
N THR B 48 35.56 18.20 -0.56
N THR B 48 35.58 18.20 -0.54
CA THR B 48 34.42 18.71 0.20
CA THR B 48 34.40 18.69 0.17
C THR B 48 34.84 19.77 1.19
C THR B 48 34.81 19.73 1.22
N THR B 49 33.99 20.77 1.37
CA THR B 49 34.21 21.82 2.36
C THR B 49 33.15 21.65 3.43
N ILE B 50 33.57 21.62 4.69
CA ILE B 50 32.65 21.52 5.81
C ILE B 50 33.03 22.56 6.85
N ILE B 51 32.11 23.45 7.17
CA ILE B 51 32.38 24.50 8.16
C ILE B 51 31.25 24.56 9.19
N GLN B 52 31.63 24.83 10.43
CA GLN B 52 30.67 25.26 11.44
C GLN B 52 30.68 26.78 11.39
N LEU B 53 29.49 27.37 11.25
CA LEU B 53 29.39 28.82 11.10
C LEU B 53 29.75 29.55 12.38
N GLN B 54 29.36 29.03 13.53
CA GLN B 54 29.81 29.53 14.83
C GLN B 54 30.74 28.51 15.47
N PRO B 55 31.68 28.92 16.31
CA PRO B 55 32.60 27.92 16.89
C PRO B 55 31.96 27.14 18.02
N LEU B 56 31.00 26.29 17.66
CA LEU B 56 30.30 25.52 18.68
C LEU B 56 31.20 24.46 19.28
N GLN B 57 31.98 23.78 18.45
CA GLN B 57 32.92 22.77 18.91
C GLN B 57 34.34 23.32 18.96
N GLU B 58 35.06 22.98 20.03
CA GLU B 58 36.49 23.26 20.12
C GLU B 58 37.25 22.47 19.06
N PRO B 59 38.48 22.89 18.73
CA PRO B 59 39.16 22.33 17.54
C PRO B 59 39.29 20.81 17.51
N GLU B 60 39.67 20.19 18.63
CA GLU B 60 39.82 18.74 18.63
C GLU B 60 38.48 18.04 18.43
N SER B 61 37.44 18.50 19.12
CA SER B 61 36.11 17.92 18.94
C SER B 61 35.60 18.19 17.52
N TRP B 62 35.85 19.39 16.98
CA TRP B 62 35.42 19.68 15.61
C TRP B 62 36.17 18.82 14.59
N ALA B 63 37.46 18.57 14.81
CA ALA B 63 38.20 17.70 13.91
C ALA B 63 37.62 16.30 13.89
N ARG B 64 37.26 15.78 15.07
CA ARG B 64 36.64 14.46 15.15
C ARG B 64 35.30 14.44 14.42
N THR B 65 34.47 15.47 14.63
CA THR B 65 33.20 15.55 13.92
C THR B 65 33.44 15.62 12.41
N GLN B 66 34.45 16.36 11.97
CA GLN B 66 34.76 16.37 10.54
C GLN B 66 35.15 14.99 10.05
N SER B 67 35.92 14.24 10.86
CA SER B 67 36.32 12.89 10.50
C SER B 67 35.11 11.97 10.38
N GLY B 68 34.14 12.11 11.28
CA GLY B 68 32.94 11.31 11.15
C GLY B 68 32.14 11.64 9.91
N LEU B 69 32.05 12.94 9.58
CA LEU B 69 31.33 13.36 8.38
C LEU B 69 32.02 12.84 7.13
N GLN B 70 33.35 12.95 7.08
CA GLN B 70 34.10 12.46 5.92
C GLN B 70 33.94 10.95 5.75
N SER B 71 34.02 10.19 6.86
CA SER B 71 33.77 8.76 6.78
C SER B 71 32.34 8.46 6.35
N TYR B 72 31.37 9.25 6.83
CA TYR B 72 30.01 9.08 6.38
C TYR B 72 29.91 9.23 4.86
N LEU B 73 30.52 10.30 4.32
CA LEU B 73 30.43 10.55 2.89
C LEU B 73 31.07 9.43 2.09
N LEU B 74 32.22 8.92 2.56
CA LEU B 74 32.87 7.82 1.86
C LEU B 74 31.97 6.59 1.84
N GLN B 75 31.33 6.27 2.97
CA GLN B 75 30.43 5.12 2.99
C GLN B 75 29.23 5.36 2.10
N PHE B 76 28.69 6.59 2.15
CA PHE B 76 27.53 6.95 1.34
C PHE B 76 27.84 6.80 -0.14
N HIS B 77 28.97 7.39 -0.57
CA HIS B 77 29.35 7.26 -1.96
C HIS B 77 29.67 5.80 -2.32
N GLY B 78 30.33 5.07 -1.43
CA GLY B 78 30.61 3.67 -1.71
C GLY B 78 29.34 2.85 -1.92
N LEU B 79 28.30 3.14 -1.12
CA LEU B 79 27.03 2.41 -1.30
C LEU B 79 26.38 2.74 -2.64
N VAL B 80 26.36 4.02 -3.03
CA VAL B 80 25.79 4.35 -4.33
C VAL B 80 26.54 3.63 -5.44
N ARG B 81 27.88 3.60 -5.36
CA ARG B 81 28.64 2.87 -6.36
C ARG B 81 28.30 1.40 -6.35
N LEU B 82 28.14 0.81 -5.15
CA LEU B 82 27.80 -0.61 -5.11
C LEU B 82 26.43 -0.87 -5.74
N VAL B 83 25.44 -0.03 -5.45
CA VAL B 83 24.11 -0.24 -6.05
C VAL B 83 24.19 -0.16 -7.56
N HIS B 84 24.91 0.85 -8.09
CA HIS B 84 25.12 0.92 -9.53
C HIS B 84 25.87 -0.28 -10.07
N GLN B 85 26.92 -0.72 -9.37
CA GLN B 85 27.71 -1.84 -9.86
C GLN B 85 26.86 -3.11 -9.99
N GLU B 86 25.94 -3.34 -9.05
CA GLU B 86 25.16 -4.57 -9.02
C GLU B 86 23.80 -4.48 -9.70
N ARG B 87 23.21 -3.30 -9.78
CA ARG B 87 21.86 -3.16 -10.31
C ARG B 87 21.69 -2.05 -11.35
N THR B 88 22.73 -1.26 -11.66
CA THR B 88 22.70 -0.26 -12.74
C THR B 88 21.76 0.93 -12.54
N LEU B 89 22.26 1.96 -11.85
CA LEU B 89 21.53 3.21 -11.70
C LEU B 89 21.59 4.05 -12.97
N ALA B 90 20.53 4.84 -13.20
CA ALA B 90 20.50 5.78 -14.31
C ALA B 90 20.99 7.14 -13.85
N PHE B 91 22.07 7.64 -14.47
CA PHE B 91 22.65 8.93 -14.15
C PHE B 91 22.33 9.93 -15.25
N PRO B 92 22.28 11.23 -14.95
CA PRO B 92 22.54 11.90 -13.66
C PRO B 92 21.42 11.65 -12.67
N LEU B 93 21.72 11.72 -11.38
CA LEU B 93 20.70 11.58 -10.36
C LEU B 93 21.10 12.42 -9.17
N THR B 94 20.10 12.77 -8.37
CA THR B 94 20.30 13.48 -7.12
C THR B 94 19.75 12.62 -5.99
N ILE B 95 20.44 12.61 -4.86
CA ILE B 95 19.97 11.95 -3.65
C ILE B 95 19.82 13.00 -2.55
N ARG B 96 18.74 12.91 -1.78
CA ARG B 96 18.51 13.79 -0.65
C ARG B 96 18.50 12.95 0.62
N CYS B 97 19.35 13.31 1.57
CA CYS B 97 19.31 12.70 2.90
C CYS B 97 18.92 13.77 3.89
N PHE B 98 17.84 13.52 4.62
CA PHE B 98 17.34 14.43 5.63
C PHE B 98 17.24 13.63 6.93
N LEU B 99 17.97 14.05 7.95
CA LEU B 99 18.13 13.24 9.16
C LEU B 99 18.34 14.18 10.34
N GLY B 100 18.19 13.63 11.54
CA GLY B 100 18.42 14.41 12.73
C GLY B 100 17.72 13.84 13.95
N CYS B 101 17.72 14.66 14.99
CA CYS B 101 17.22 14.27 16.29
C CYS B 101 16.46 15.45 16.89
N GLU B 102 15.45 15.13 17.68
CA GLU B 102 14.58 16.11 18.29
C GLU B 102 14.28 15.64 19.70
N LEU B 103 14.40 16.55 20.66
CA LEU B 103 14.16 16.22 22.06
C LEU B 103 12.82 16.85 22.40
N PRO B 104 11.70 16.19 22.14
CA PRO B 104 10.41 16.80 22.38
C PRO B 104 10.24 17.11 23.86
N PRO B 105 9.54 18.20 24.20
CA PRO B 105 9.29 18.53 25.60
C PRO B 105 8.12 17.73 26.17
N SER B 108 11.67 13.11 28.20
CA SER B 108 11.11 12.00 27.45
C SER B 108 12.22 11.19 26.77
N ARG B 109 11.95 10.76 25.55
CA ARG B 109 12.87 10.03 24.68
C ARG B 109 13.07 10.87 23.44
N ALA B 110 14.16 10.63 22.72
CA ALA B 110 14.48 11.43 21.56
C ALA B 110 13.74 10.88 20.35
N HIS B 111 13.30 11.77 19.47
CA HIS B 111 12.79 11.37 18.17
C HIS B 111 13.91 11.53 17.15
N VAL B 112 14.21 10.48 16.40
CA VAL B 112 15.26 10.52 15.40
C VAL B 112 14.71 10.02 14.06
N PHE B 113 15.38 10.42 12.99
CA PHE B 113 14.90 10.08 11.66
C PHE B 113 16.05 10.15 10.67
N PHE B 114 15.87 9.44 9.57
CA PHE B 114 16.82 9.49 8.45
C PHE B 114 16.04 9.06 7.22
N GLU B 115 15.72 10.02 6.35
CA GLU B 115 14.87 9.80 5.18
C GLU B 115 15.68 10.03 3.91
N VAL B 116 15.52 9.15 2.94
CA VAL B 116 16.29 9.26 1.70
C VAL B 116 15.35 9.36 0.52
N ALA B 117 15.53 10.39 -0.31
CA ALA B 117 14.80 10.54 -1.56
C ALA B 117 15.79 10.49 -2.72
N VAL B 118 15.30 10.04 -3.88
CA VAL B 118 16.13 9.91 -5.07
C VAL B 118 15.42 10.65 -6.19
N ASN B 119 16.11 11.61 -6.81
CA ASN B 119 15.53 12.42 -7.87
C ASN B 119 14.22 13.07 -7.42
N GLY B 120 14.14 13.45 -6.14
CA GLY B 120 12.96 14.10 -5.60
C GLY B 120 11.86 13.16 -5.17
N SER B 121 12.05 11.85 -5.24
CA SER B 121 11.01 10.89 -4.91
C SER B 121 11.38 10.09 -3.67
N SER B 122 10.42 9.90 -2.77
CA SER B 122 10.69 9.11 -1.58
C SER B 122 11.27 7.75 -1.98
N PHE B 123 12.34 7.36 -1.29
CA PHE B 123 13.03 6.12 -1.65
C PHE B 123 13.07 5.14 -0.47
N VAL B 124 13.81 5.46 0.60
CA VAL B 124 13.91 4.58 1.77
C VAL B 124 14.05 5.44 3.01
N SER B 125 13.77 4.85 4.15
CA SER B 125 13.95 5.54 5.41
C SER B 125 14.29 4.57 6.53
N PHE B 126 14.93 5.13 7.56
CA PHE B 126 15.44 4.37 8.68
C PHE B 126 14.34 4.25 9.73
N ARG B 127 14.07 3.03 10.19
CA ARG B 127 13.09 2.91 11.25
C ARG B 127 13.89 2.64 12.51
N PRO B 128 14.05 3.60 13.42
CA PRO B 128 15.01 3.40 14.51
C PRO B 128 14.56 2.38 15.56
N GLU B 129 13.26 2.11 15.73
CA GLU B 129 12.85 1.11 16.72
C GLU B 129 13.37 -0.27 16.37
N ARG B 130 13.50 -0.58 15.09
CA ARG B 130 14.04 -1.85 14.62
C ARG B 130 15.49 -1.72 14.21
N ALA B 131 16.00 -0.49 14.13
CA ALA B 131 17.30 -0.20 13.52
C ALA B 131 17.40 -0.83 12.12
N LEU B 132 16.32 -0.69 11.35
CA LEU B 132 16.21 -1.28 10.03
C LEU B 132 15.73 -0.25 9.04
N TRP B 133 16.19 -0.37 7.79
CA TRP B 133 15.71 0.49 6.74
C TRP B 133 14.51 -0.14 6.07
N GLN B 134 13.52 0.67 5.73
CA GLN B 134 12.35 0.22 5.00
C GLN B 134 12.15 1.09 3.78
N ALA B 135 11.44 0.55 2.80
CA ALA B 135 11.11 1.32 1.61
C ALA B 135 10.03 2.35 1.92
N ASP B 136 10.15 3.53 1.32
CA ASP B 136 9.12 4.55 1.43
C ASP B 136 8.29 4.67 0.18
N THR B 137 8.62 3.93 -0.87
CA THR B 137 7.82 3.89 -2.07
C THR B 137 7.04 2.59 -2.08
N GLN B 138 5.91 2.58 -2.79
CA GLN B 138 5.18 1.34 -3.03
C GLN B 138 5.71 0.59 -4.23
N VAL B 139 6.56 1.23 -5.05
CA VAL B 139 7.16 0.57 -6.20
C VAL B 139 8.48 -0.02 -5.72
N THR B 140 8.48 -1.32 -5.49
CA THR B 140 9.69 -2.01 -5.03
C THR B 140 10.49 -2.39 -6.28
N SER B 141 11.50 -1.60 -6.60
CA SER B 141 12.30 -1.91 -7.77
C SER B 141 13.47 -2.79 -7.35
N GLY B 142 14.17 -3.36 -8.34
CA GLY B 142 15.38 -4.10 -8.00
C GLY B 142 16.34 -3.25 -7.20
N VAL B 143 16.41 -1.95 -7.50
CA VAL B 143 17.27 -1.01 -6.79
C VAL B 143 16.80 -0.83 -5.35
N VAL B 144 15.49 -0.71 -5.13
CA VAL B 144 15.00 -0.56 -3.76
C VAL B 144 15.33 -1.81 -2.94
N THR B 145 15.08 -2.97 -3.53
CA THR B 145 15.34 -4.23 -2.83
C THR B 145 16.81 -4.39 -2.50
N PHE B 146 17.68 -4.17 -3.50
CA PHE B 146 19.10 -4.34 -3.27
C PHE B 146 19.65 -3.33 -2.27
N THR B 147 19.25 -2.06 -2.38
CA THR B 147 19.71 -1.06 -1.42
C THR B 147 19.28 -1.42 -0.02
N LEU B 148 18.02 -1.80 0.17
CA LEU B 148 17.57 -2.19 1.50
C LEU B 148 18.37 -3.40 1.99
N GLN B 149 18.62 -4.36 1.10
CA GLN B 149 19.43 -5.52 1.49
C GLN B 149 20.81 -5.10 2.00
N GLN B 150 21.46 -4.16 1.30
CA GLN B 150 22.78 -3.71 1.70
C GLN B 150 22.72 -2.90 3.00
N LEU B 151 21.76 -1.97 3.09
CA LEU B 151 21.63 -1.16 4.28
C LEU B 151 21.34 -2.01 5.51
N ASN B 152 20.59 -3.08 5.35
CA ASN B 152 20.20 -3.88 6.50
C ASN B 152 21.17 -4.99 6.83
N ALA B 153 22.22 -5.18 6.03
CA ALA B 153 23.14 -6.30 6.23
C ALA B 153 24.25 -6.00 7.23
N TYR B 154 24.49 -4.74 7.55
CA TYR B 154 25.68 -4.33 8.30
C TYR B 154 25.27 -3.53 9.52
N ASN B 155 25.96 -3.80 10.63
CA ASN B 155 25.80 -3.01 11.85
C ASN B 155 26.07 -1.53 11.59
N ARG B 156 26.96 -1.21 10.66
CA ARG B 156 27.33 0.18 10.47
C ARG B 156 26.14 1.01 10.03
N THR B 157 25.26 0.44 9.19
CA THR B 157 24.07 1.17 8.74
C THR B 157 22.83 0.83 9.55
N ARG B 158 22.97 0.03 10.60
CA ARG B 158 21.82 -0.25 11.44
C ARG B 158 22.02 0.28 12.86
N TYR B 159 22.81 -0.42 13.67
CA TYR B 159 22.90 -0.05 15.08
C TYR B 159 23.87 1.10 15.31
N GLU B 160 24.92 1.19 14.49
CA GLU B 160 25.83 2.31 14.57
C GLU B 160 25.16 3.61 14.14
N LEU B 161 24.35 3.55 13.09
CA LEU B 161 23.61 4.74 12.69
C LEU B 161 22.59 5.15 13.74
N ARG B 162 21.92 4.17 14.37
CA ARG B 162 20.99 4.49 15.44
C ARG B 162 21.71 5.16 16.61
N GLU B 163 22.91 4.66 16.95
CA GLU B 163 23.71 5.33 17.99
C GLU B 163 24.04 6.75 17.60
N PHE B 164 24.40 6.99 16.33
CA PHE B 164 24.68 8.35 15.90
C PHE B 164 23.45 9.22 16.08
N LEU B 165 22.28 8.71 15.70
CA LEU B 165 21.06 9.50 15.82
C LEU B 165 20.65 9.67 17.28
N GLU B 166 20.63 8.58 18.03
CA GLU B 166 20.04 8.65 19.36
C GLU B 166 21.02 9.12 20.42
N ASP B 167 22.32 8.98 20.20
CA ASP B 167 23.29 9.34 21.22
C ASP B 167 24.15 10.51 20.77
N THR B 168 24.84 10.40 19.64
CA THR B 168 25.75 11.48 19.22
C THR B 168 24.98 12.75 18.92
N CYS B 169 23.98 12.67 18.05
N CYS B 169 23.97 12.66 18.07
CA CYS B 169 23.15 13.82 17.69
CA CYS B 169 23.18 13.83 17.71
C CYS B 169 22.50 14.43 18.92
C CYS B 169 22.50 14.44 18.92
N VAL B 170 21.90 13.59 19.76
CA VAL B 170 21.20 14.07 20.96
C VAL B 170 22.17 14.78 21.88
N GLN B 171 23.33 14.17 22.10
CA GLN B 171 24.32 14.80 22.96
C GLN B 171 24.77 16.13 22.38
N TYR B 172 24.86 16.22 21.04
CA TYR B 172 25.18 17.49 20.40
C TYR B 172 24.13 18.55 20.71
N VAL B 173 22.83 18.21 20.56
CA VAL B 173 21.77 19.16 20.88
C VAL B 173 21.82 19.56 22.34
N GLN B 174 21.97 18.58 23.24
CA GLN B 174 22.00 18.88 24.66
C GLN B 174 23.17 19.80 25.01
N LYS B 175 24.32 19.59 24.36
CA LYS B 175 25.50 20.39 24.67
C LYS B 175 25.39 21.80 24.12
N HIS B 176 24.82 21.97 22.91
CA HIS B 176 24.95 23.24 22.19
C HIS B 176 23.66 24.05 22.05
N ILE B 177 22.51 23.57 22.53
CA ILE B 177 21.35 24.48 22.50
C ILE B 177 21.40 25.35 23.76
N GLN C 9 -6.64 6.38 -29.46
CA GLN C 9 -7.38 7.64 -29.47
C GLN C 9 -8.06 7.84 -28.14
N ARG C 10 -7.52 8.73 -27.31
CA ARG C 10 -7.89 8.83 -25.91
C ARG C 10 -8.00 10.31 -25.54
N LEU C 11 -8.94 10.60 -24.65
CA LEU C 11 -8.92 11.86 -23.92
C LEU C 11 -8.78 11.48 -22.46
N HIS C 12 -7.70 11.92 -21.82
CA HIS C 12 -7.48 11.70 -20.40
C HIS C 12 -7.61 13.01 -19.65
N MET C 13 -8.27 12.97 -18.50
CA MET C 13 -8.52 14.13 -17.67
C MET C 13 -7.99 13.81 -16.29
N LEU C 14 -7.23 14.72 -15.72
CA LEU C 14 -6.63 14.51 -14.40
C LEU C 14 -6.93 15.70 -13.50
N GLN C 15 -7.50 15.42 -12.33
CA GLN C 15 -7.84 16.47 -11.37
C GLN C 15 -7.24 16.11 -10.01
N ILE C 16 -6.33 16.94 -9.53
CA ILE C 16 -5.81 16.84 -8.18
C ILE C 16 -6.46 17.92 -7.33
N SER C 17 -7.06 17.54 -6.22
CA SER C 17 -7.72 18.52 -5.36
C SER C 17 -7.06 18.48 -3.99
N TYR C 18 -6.44 19.59 -3.60
CA TYR C 18 -5.78 19.66 -2.30
C TYR C 18 -6.71 20.40 -1.35
N PHE C 19 -7.24 19.67 -0.37
CA PHE C 19 -8.18 20.21 0.61
C PHE C 19 -7.39 20.64 1.84
N ARG C 20 -7.39 21.93 2.10
CA ARG C 20 -6.88 22.41 3.38
C ARG C 20 -7.85 22.08 4.49
N ASP C 21 -9.13 22.13 4.19
CA ASP C 21 -10.20 21.88 5.14
C ASP C 21 -11.41 21.67 4.24
N PRO C 22 -12.60 21.38 4.76
CA PRO C 22 -13.71 21.06 3.84
C PRO C 22 -14.06 22.21 2.89
N TYR C 23 -13.73 23.45 3.22
CA TYR C 23 -14.21 24.58 2.44
C TYR C 23 -13.17 25.18 1.50
N HIS C 24 -11.89 24.85 1.66
CA HIS C 24 -10.81 25.50 0.92
C HIS C 24 -10.04 24.45 0.18
N VAL C 25 -10.04 24.56 -1.15
CA VAL C 25 -9.45 23.57 -2.05
C VAL C 25 -8.58 24.28 -3.05
N TRP C 26 -7.43 23.68 -3.36
CA TRP C 26 -6.61 24.08 -4.49
C TRP C 26 -6.64 22.97 -5.53
N TYR C 27 -7.02 23.32 -6.75
CA TYR C 27 -7.10 22.38 -7.86
C TYR C 27 -5.87 22.49 -8.75
N GLN C 28 -5.36 21.33 -9.18
CA GLN C 28 -4.31 21.29 -10.18
C GLN C 28 -4.59 20.10 -11.08
N GLY C 29 -4.57 20.33 -12.38
CA GLY C 29 -4.88 19.24 -13.28
C GLY C 29 -4.69 19.64 -14.72
N ASN C 30 -5.05 18.71 -15.59
CA ASN C 30 -4.93 18.97 -17.02
C ASN C 30 -5.71 17.89 -17.77
N ALA C 31 -5.79 18.07 -19.07
CA ALA C 31 -6.37 17.07 -19.95
C ALA C 31 -5.45 16.90 -21.16
N SER C 32 -5.39 15.68 -21.68
CA SER C 32 -4.58 15.34 -22.84
C SER C 32 -5.40 14.56 -23.85
N LEU C 33 -5.23 14.93 -25.11
CA LEU C 33 -5.87 14.29 -26.25
C LEU C 33 -4.77 13.71 -27.13
N GLY C 34 -4.87 12.41 -27.43
CA GLY C 34 -3.68 11.79 -28.00
C GLY C 34 -2.57 11.95 -26.99
N GLY C 35 -1.36 12.16 -27.46
CA GLY C 35 -0.40 12.40 -26.41
C GLY C 35 -0.27 13.84 -25.97
N HIS C 36 -1.20 14.72 -26.34
CA HIS C 36 -0.95 16.16 -26.29
C HIS C 36 -1.79 16.88 -25.24
N LEU C 37 -1.12 17.65 -24.39
CA LEU C 37 -1.80 18.48 -23.41
C LEU C 37 -2.73 19.46 -24.11
N THR C 38 -4.00 19.49 -23.69
CA THR C 38 -5.02 20.33 -24.31
C THR C 38 -5.71 21.29 -23.36
N HIS C 39 -5.71 21.02 -22.07
CA HIS C 39 -6.41 21.83 -21.08
C HIS C 39 -5.58 21.87 -19.82
N VAL C 40 -5.75 22.95 -19.08
CA VAL C 40 -5.07 23.13 -17.81
C VAL C 40 -6.11 23.52 -16.77
N LEU C 41 -6.01 22.89 -15.60
CA LEU C 41 -6.85 23.13 -14.44
C LEU C 41 -5.93 23.67 -13.37
N GLU C 42 -6.30 24.80 -12.77
CA GLU C 42 -5.49 25.34 -11.71
C GLU C 42 -6.29 26.39 -10.94
N GLY C 43 -6.12 26.40 -9.63
CA GLY C 43 -6.57 27.51 -8.84
C GLY C 43 -7.42 27.14 -7.65
N PRO C 44 -7.71 28.14 -6.81
CA PRO C 44 -8.53 27.92 -5.62
C PRO C 44 -9.99 27.68 -5.99
N ASP C 45 -10.73 27.14 -5.02
CA ASP C 45 -12.16 26.93 -5.23
C ASP C 45 -12.87 28.25 -5.54
N THR C 46 -12.37 29.37 -5.02
CA THR C 46 -13.02 30.67 -5.21
C THR C 46 -12.76 31.27 -6.59
N ASN C 47 -11.75 30.76 -7.30
CA ASN C 47 -11.54 31.14 -8.70
C ASN C 47 -10.75 29.98 -9.32
N THR C 48 -11.46 28.97 -9.79
CA THR C 48 -10.81 27.82 -10.39
C THR C 48 -10.72 28.01 -11.87
N THR C 49 -9.50 27.90 -12.41
CA THR C 49 -9.26 28.12 -13.82
C THR C 49 -9.24 26.80 -14.56
N ILE C 50 -10.01 26.73 -15.63
CA ILE C 50 -9.91 25.66 -16.60
C ILE C 50 -9.84 26.33 -17.95
N ILE C 51 -8.75 26.11 -18.67
CA ILE C 51 -8.55 26.81 -19.94
C ILE C 51 -8.18 25.80 -21.00
N GLN C 52 -8.55 26.10 -22.24
CA GLN C 52 -7.98 25.32 -23.34
C GLN C 52 -6.59 25.87 -23.68
N LEU C 53 -5.57 25.01 -23.58
CA LEU C 53 -4.26 25.40 -24.08
C LEU C 53 -4.25 25.41 -25.57
N GLN C 54 -4.96 24.45 -26.17
CA GLN C 54 -5.21 24.45 -27.60
C GLN C 54 -6.67 24.81 -27.75
N PRO C 55 -7.00 25.84 -28.47
CA PRO C 55 -8.41 26.27 -28.57
C PRO C 55 -9.18 25.42 -29.56
N LEU C 56 -9.39 24.15 -29.18
CA LEU C 56 -10.07 23.20 -30.07
C LEU C 56 -11.55 23.51 -30.21
N GLN C 57 -12.19 23.98 -29.16
CA GLN C 57 -13.59 24.37 -29.24
C GLN C 57 -13.71 25.86 -29.43
N GLU C 58 -14.61 26.25 -30.33
CA GLU C 58 -15.01 27.62 -30.50
C GLU C 58 -15.72 28.12 -29.23
N PRO C 59 -15.75 29.44 -29.04
CA PRO C 59 -16.17 29.99 -27.74
C PRO C 59 -17.55 29.55 -27.29
N GLU C 60 -18.53 29.50 -28.19
CA GLU C 60 -19.85 29.07 -27.76
C GLU C 60 -19.82 27.62 -27.32
N SER C 61 -19.10 26.77 -28.06
CA SER C 61 -18.97 25.38 -27.69
C SER C 61 -18.23 25.22 -26.37
N TRP C 62 -17.14 25.99 -26.18
CA TRP C 62 -16.36 25.91 -24.95
C TRP C 62 -17.17 26.38 -23.75
N ALA C 63 -17.99 27.41 -23.93
CA ALA C 63 -18.84 27.90 -22.84
C ALA C 63 -19.80 26.81 -22.36
N ARG C 64 -20.36 26.04 -23.30
CA ARG C 64 -21.22 24.90 -22.89
C ARG C 64 -20.43 23.89 -22.08
N THR C 65 -19.24 23.51 -22.57
CA THR C 65 -18.40 22.60 -21.81
C THR C 65 -18.05 23.17 -20.45
N GLN C 66 -17.77 24.49 -20.37
CA GLN C 66 -17.47 25.11 -19.09
C GLN C 66 -18.61 24.97 -18.09
N SER C 67 -19.85 25.13 -18.54
CA SER C 67 -20.97 25.05 -17.63
C SER C 67 -21.05 23.65 -17.00
N GLY C 68 -20.83 22.62 -17.80
CA GLY C 68 -20.78 21.26 -17.26
C GLY C 68 -19.62 21.07 -16.31
N LEU C 69 -18.45 21.62 -16.65
CA LEU C 69 -17.30 21.49 -15.75
C LEU C 69 -17.58 22.18 -14.43
N GLN C 70 -18.19 23.37 -14.47
CA GLN C 70 -18.55 24.04 -13.23
C GLN C 70 -19.55 23.21 -12.42
N SER C 71 -20.55 22.63 -13.08
CA SER C 71 -21.50 21.80 -12.35
C SER C 71 -20.78 20.61 -11.73
N TYR C 72 -19.86 20.00 -12.47
CA TYR C 72 -19.10 18.88 -11.92
C TYR C 72 -18.31 19.27 -10.68
N LEU C 73 -17.60 20.40 -10.73
CA LEU C 73 -16.80 20.80 -9.57
C LEU C 73 -17.67 21.06 -8.36
N LEU C 74 -18.84 21.69 -8.55
CA LEU C 74 -19.75 21.89 -7.42
C LEU C 74 -20.19 20.55 -6.82
N GLN C 75 -20.53 19.60 -7.69
CA GLN C 75 -20.95 18.27 -7.24
C GLN C 75 -19.81 17.53 -6.57
N PHE C 76 -18.62 17.61 -7.15
CA PHE C 76 -17.45 16.97 -6.57
C PHE C 76 -17.16 17.52 -5.18
N HIS C 77 -17.10 18.85 -5.06
CA HIS C 77 -16.82 19.47 -3.78
C HIS C 77 -17.95 19.19 -2.78
N GLY C 78 -19.21 19.24 -3.22
CA GLY C 78 -20.31 18.94 -2.33
C GLY C 78 -20.22 17.51 -1.78
N LEU C 79 -19.82 16.58 -2.64
CA LEU C 79 -19.69 15.19 -2.18
C LEU C 79 -18.59 15.03 -1.14
N VAL C 80 -17.45 15.69 -1.33
CA VAL C 80 -16.38 15.65 -0.33
C VAL C 80 -16.89 16.21 0.99
N ARG C 81 -17.63 17.33 0.94
CA ARG C 81 -18.20 17.90 2.17
C ARG C 81 -19.17 16.94 2.86
N LEU C 82 -20.01 16.25 2.09
CA LEU C 82 -20.97 15.33 2.69
C LEU C 82 -20.27 14.16 3.39
N VAL C 83 -19.26 13.58 2.75
CA VAL C 83 -18.52 12.47 3.36
C VAL C 83 -17.85 12.94 4.64
N HIS C 84 -17.23 14.13 4.62
CA HIS C 84 -16.65 14.66 5.85
C HIS C 84 -17.69 14.89 6.93
N GLN C 85 -18.85 15.46 6.56
CA GLN C 85 -19.87 15.73 7.56
C GLN C 85 -20.34 14.45 8.24
N GLU C 86 -20.39 13.34 7.48
CA GLU C 86 -20.95 12.08 7.95
C GLU C 86 -19.93 11.14 8.58
N ARG C 87 -18.68 11.19 8.14
CA ARG C 87 -17.65 10.23 8.55
C ARG C 87 -16.39 10.88 9.09
N THR C 88 -16.28 12.22 9.01
CA THR C 88 -15.15 13.00 9.54
C THR C 88 -13.80 12.70 8.93
N LEU C 89 -13.50 13.32 7.77
CA LEU C 89 -12.19 13.19 7.16
C LEU C 89 -11.15 14.04 7.90
N ALA C 90 -9.93 13.52 7.96
CA ALA C 90 -8.79 14.25 8.51
C ALA C 90 -8.12 15.04 7.41
N PHE C 91 -7.93 16.36 7.62
CA PHE C 91 -7.32 17.28 6.68
C PHE C 91 -5.90 17.67 7.12
N PRO C 92 -5.01 18.07 6.18
CA PRO C 92 -5.23 18.22 4.74
C PRO C 92 -5.36 16.88 4.08
N LEU C 93 -6.00 16.86 2.92
CA LEU C 93 -6.07 15.61 2.18
C LEU C 93 -6.04 15.96 0.70
N THR C 94 -5.63 14.99 -0.09
CA THR C 94 -5.58 15.15 -1.54
C THR C 94 -6.50 14.13 -2.16
N ILE C 95 -7.29 14.56 -3.14
CA ILE C 95 -8.10 13.65 -3.93
C ILE C 95 -7.62 13.75 -5.35
N ARG C 96 -7.44 12.60 -5.99
CA ARG C 96 -7.07 12.54 -7.40
C ARG C 96 -8.20 11.86 -8.14
N CYS C 97 -8.69 12.54 -9.17
CA CYS C 97 -9.65 11.97 -10.11
C CYS C 97 -8.97 11.85 -11.47
N PHE C 98 -8.96 10.63 -12.00
CA PHE C 98 -8.33 10.37 -13.28
C PHE C 98 -9.38 9.68 -14.14
N LEU C 99 -9.72 10.26 -15.28
CA LEU C 99 -10.90 9.81 -16.00
C LEU C 99 -10.71 10.04 -17.48
N GLY C 100 -11.57 9.41 -18.26
CA GLY C 100 -11.51 9.64 -19.69
C GLY C 100 -12.12 8.49 -20.46
N CYS C 101 -11.84 8.51 -21.76
CA CYS C 101 -12.39 7.57 -22.71
C CYS C 101 -11.29 7.18 -23.68
N GLU C 102 -11.38 5.96 -24.21
CA GLU C 102 -10.35 5.44 -25.11
C GLU C 102 -11.06 4.72 -26.23
N LEU C 103 -10.73 5.09 -27.46
CA LEU C 103 -11.40 4.63 -28.66
C LEU C 103 -10.55 3.65 -29.43
N PRO C 104 -11.02 2.41 -29.67
CA PRO C 104 -10.26 1.41 -30.42
C PRO C 104 -9.95 1.87 -31.85
N SER C 108 -14.98 -0.04 -33.08
CA SER C 108 -15.53 -0.76 -31.93
C SER C 108 -16.02 0.24 -30.88
N ARG C 109 -16.49 -0.26 -29.74
CA ARG C 109 -17.01 0.60 -28.70
C ARG C 109 -15.89 1.06 -27.79
N ALA C 110 -16.09 2.22 -27.15
CA ALA C 110 -15.04 2.81 -26.34
C ALA C 110 -15.13 2.35 -24.90
N HIS C 111 -13.97 2.24 -24.28
CA HIS C 111 -13.85 2.01 -22.85
C HIS C 111 -13.67 3.33 -22.12
N VAL C 112 -14.39 3.50 -21.03
CA VAL C 112 -14.29 4.73 -20.24
C VAL C 112 -13.93 4.34 -18.82
N PHE C 113 -13.41 5.30 -18.08
CA PHE C 113 -12.93 5.05 -16.73
C PHE C 113 -13.03 6.32 -15.90
N PHE C 114 -13.10 6.12 -14.58
CA PHE C 114 -13.10 7.24 -13.65
C PHE C 114 -12.59 6.68 -12.33
N GLU C 115 -11.34 6.98 -12.00
CA GLU C 115 -10.64 6.38 -10.86
C GLU C 115 -10.34 7.46 -9.84
N VAL C 116 -10.62 7.20 -8.58
CA VAL C 116 -10.46 8.17 -7.50
C VAL C 116 -9.48 7.62 -6.47
N ALA C 117 -8.47 8.41 -6.15
CA ALA C 117 -7.56 8.10 -5.06
C ALA C 117 -7.60 9.23 -4.03
N VAL C 118 -7.38 8.85 -2.79
CA VAL C 118 -7.41 9.74 -1.64
C VAL C 118 -6.07 9.59 -0.93
N ASN C 119 -5.35 10.70 -0.78
CA ASN C 119 -4.04 10.72 -0.17
C ASN C 119 -3.14 9.68 -0.84
N GLY C 120 -3.31 9.54 -2.15
CA GLY C 120 -2.46 8.68 -2.92
C GLY C 120 -2.87 7.22 -2.95
N SER C 121 -4.00 6.85 -2.34
CA SER C 121 -4.42 5.45 -2.31
C SER C 121 -5.70 5.28 -3.12
N SER C 122 -5.72 4.27 -3.98
CA SER C 122 -6.92 3.89 -4.70
C SER C 122 -8.10 3.80 -3.75
N PHE C 123 -9.20 4.49 -4.08
CA PHE C 123 -10.33 4.58 -3.19
C PHE C 123 -11.62 4.06 -3.80
N VAL C 124 -12.13 4.68 -4.87
CA VAL C 124 -13.32 4.18 -5.56
C VAL C 124 -13.11 4.44 -7.04
N SER C 125 -13.86 3.69 -7.85
CA SER C 125 -13.86 3.92 -9.28
C SER C 125 -15.19 3.51 -9.87
N PHE C 126 -15.45 4.03 -11.05
CA PHE C 126 -16.72 3.89 -11.74
C PHE C 126 -16.66 2.67 -12.66
N ARG C 127 -17.65 1.78 -12.53
CA ARG C 127 -17.73 0.64 -13.42
C ARG C 127 -18.83 0.95 -14.42
N PRO C 128 -18.49 1.36 -15.65
CA PRO C 128 -19.51 1.92 -16.54
C PRO C 128 -20.51 0.90 -17.03
N GLU C 129 -20.16 -0.39 -17.04
CA GLU C 129 -21.07 -1.40 -17.53
C GLU C 129 -22.36 -1.44 -16.68
N ARG C 130 -22.23 -1.22 -15.37
CA ARG C 130 -23.36 -1.14 -14.45
CA ARG C 130 -23.39 -1.13 -14.48
C ARG C 130 -23.70 0.30 -14.06
N ALA C 131 -22.87 1.27 -14.43
CA ALA C 131 -22.99 2.63 -13.95
C ALA C 131 -23.00 2.65 -12.42
N LEU C 132 -22.11 1.85 -11.84
CA LEU C 132 -22.00 1.72 -10.40
C LEU C 132 -20.57 2.00 -9.99
N TRP C 133 -20.42 2.64 -8.82
CA TRP C 133 -19.10 2.83 -8.26
C TRP C 133 -18.75 1.64 -7.39
N GLN C 134 -17.48 1.26 -7.38
CA GLN C 134 -17.04 0.14 -6.55
C GLN C 134 -15.87 0.64 -5.71
N ALA C 135 -15.63 -0.05 -4.62
CA ALA C 135 -14.47 0.22 -3.79
C ALA C 135 -13.21 -0.34 -4.43
N ASP C 136 -12.13 0.45 -4.39
CA ASP C 136 -10.78 -0.05 -4.70
C ASP C 136 -9.94 -0.19 -3.46
N THR C 137 -10.48 0.12 -2.30
CA THR C 137 -9.76 -0.05 -1.07
C THR C 137 -9.68 -1.54 -0.74
N GLN C 138 -8.75 -1.89 0.13
CA GLN C 138 -8.68 -3.26 0.62
C GLN C 138 -9.57 -3.49 1.83
N VAL C 139 -9.91 -2.44 2.55
CA VAL C 139 -10.79 -2.50 3.71
C VAL C 139 -12.16 -1.99 3.29
N THR C 140 -13.22 -2.70 3.68
CA THR C 140 -14.59 -2.28 3.41
C THR C 140 -14.96 -1.26 4.51
N SER C 141 -14.15 -0.21 4.58
CA SER C 141 -14.26 0.79 5.63
C SER C 141 -15.61 1.50 5.61
N GLY C 142 -15.96 2.10 6.75
CA GLY C 142 -17.17 2.91 6.79
C GLY C 142 -17.10 4.10 5.85
N VAL C 143 -15.93 4.71 5.73
CA VAL C 143 -15.79 5.89 4.88
C VAL C 143 -15.98 5.52 3.42
N VAL C 144 -15.37 4.43 2.95
CA VAL C 144 -15.58 4.04 1.57
C VAL C 144 -17.02 3.57 1.34
N THR C 145 -17.62 2.81 2.28
CA THR C 145 -19.02 2.37 2.06
C THR C 145 -19.97 3.57 2.01
N PHE C 146 -19.79 4.55 2.90
CA PHE C 146 -20.64 5.72 2.83
C PHE C 146 -20.45 6.49 1.53
N THR C 147 -19.21 6.63 1.06
CA THR C 147 -18.96 7.30 -0.21
C THR C 147 -19.67 6.58 -1.35
N LEU C 148 -19.56 5.25 -1.37
CA LEU C 148 -20.23 4.46 -2.40
C LEU C 148 -21.74 4.58 -2.27
N GLN C 149 -22.26 4.52 -1.04
CA GLN C 149 -23.70 4.66 -0.87
C GLN C 149 -24.17 5.96 -1.50
N GLN C 150 -23.45 7.05 -1.27
CA GLN C 150 -23.84 8.34 -1.84
C GLN C 150 -23.66 8.34 -3.36
N LEU C 151 -22.53 7.87 -3.87
CA LEU C 151 -22.29 7.89 -5.32
C LEU C 151 -23.28 7.00 -6.06
N ASN C 152 -23.69 5.87 -5.46
CA ASN C 152 -24.61 4.96 -6.16
C ASN C 152 -26.08 5.29 -5.90
N ALA C 153 -26.38 6.28 -5.07
CA ALA C 153 -27.77 6.55 -4.74
C ALA C 153 -28.46 7.47 -5.75
N TYR C 154 -27.71 8.19 -6.57
CA TYR C 154 -28.23 9.30 -7.35
C TYR C 154 -28.01 9.12 -8.85
N ASN C 155 -29.03 9.54 -9.60
CA ASN C 155 -28.94 9.63 -11.06
C ASN C 155 -27.74 10.43 -11.53
N ARG C 156 -27.46 11.54 -10.86
CA ARG C 156 -26.42 12.44 -11.37
C ARG C 156 -25.04 11.82 -11.28
N THR C 157 -24.77 11.00 -10.26
CA THR C 157 -23.45 10.39 -10.19
C THR C 157 -23.40 8.99 -10.80
N ARG C 158 -24.50 8.51 -11.40
CA ARG C 158 -24.44 7.24 -12.12
C ARG C 158 -24.69 7.44 -13.61
N TYR C 159 -25.93 7.66 -14.03
CA TYR C 159 -26.15 7.64 -15.47
C TYR C 159 -25.69 8.93 -16.15
N GLU C 160 -25.79 10.08 -15.46
CA GLU C 160 -25.31 11.33 -16.04
C GLU C 160 -23.80 11.28 -16.26
N LEU C 161 -23.07 10.72 -15.29
CA LEU C 161 -21.63 10.59 -15.43
C LEU C 161 -21.26 9.65 -16.56
N ARG C 162 -21.97 8.53 -16.66
CA ARG C 162 -21.71 7.61 -17.76
C ARG C 162 -21.98 8.29 -19.09
N GLU C 163 -23.04 9.09 -19.16
CA GLU C 163 -23.30 9.85 -20.38
C GLU C 163 -22.13 10.75 -20.74
N PHE C 164 -21.58 11.47 -19.77
CA PHE C 164 -20.44 12.34 -20.06
C PHE C 164 -19.28 11.52 -20.61
N LEU C 165 -19.02 10.37 -19.99
CA LEU C 165 -17.88 9.56 -20.40
C LEU C 165 -18.11 8.91 -21.75
N GLU C 166 -19.28 8.29 -21.93
CA GLU C 166 -19.49 7.47 -23.11
C GLU C 166 -19.93 8.30 -24.31
N ASP C 167 -20.51 9.47 -24.07
CA ASP C 167 -21.02 10.29 -25.15
C ASP C 167 -20.19 11.55 -25.34
N THR C 168 -20.07 12.42 -24.31
CA THR C 168 -19.36 13.69 -24.46
C THR C 168 -17.88 13.50 -24.72
N CYS C 169 -17.20 12.74 -23.87
CA CYS C 169 -15.78 12.49 -24.01
C CYS C 169 -15.48 11.82 -25.35
N VAL C 170 -16.27 10.79 -25.71
CA VAL C 170 -16.03 10.04 -26.93
C VAL C 170 -16.23 10.91 -28.16
N GLN C 171 -17.30 11.70 -28.18
CA GLN C 171 -17.53 12.60 -29.31
C GLN C 171 -16.43 13.66 -29.39
N TYR C 172 -15.95 14.13 -28.24
CA TYR C 172 -14.83 15.07 -28.24
C TYR C 172 -13.62 14.48 -28.94
N VAL C 173 -13.28 13.22 -28.61
CA VAL C 173 -12.18 12.55 -29.27
C VAL C 173 -12.46 12.39 -30.75
N GLN C 174 -13.69 11.98 -31.11
CA GLN C 174 -13.98 11.79 -32.52
C GLN C 174 -13.86 13.08 -33.29
N LYS C 175 -14.29 14.19 -32.67
CA LYS C 175 -14.28 15.46 -33.36
C LYS C 175 -12.86 16.04 -33.49
N HIS C 176 -12.04 15.91 -32.46
CA HIS C 176 -10.82 16.71 -32.33
C HIS C 176 -9.51 15.94 -32.43
N ILE C 177 -9.53 14.61 -32.49
CA ILE C 177 -8.28 13.88 -32.52
C ILE C 177 -7.73 13.94 -33.93
N LEU D 8 16.59 -11.80 16.84
CA LEU D 8 17.06 -13.18 17.03
C LEU D 8 16.30 -13.87 18.16
N GLN D 9 16.38 -13.28 19.35
CA GLN D 9 15.67 -13.77 20.54
C GLN D 9 14.34 -13.01 20.62
N ARG D 10 13.23 -13.69 20.37
CA ARG D 10 11.95 -13.00 20.19
C ARG D 10 10.81 -13.79 20.81
N LEU D 11 9.84 -13.04 21.32
CA LEU D 11 8.51 -13.53 21.65
C LEU D 11 7.51 -12.78 20.78
N HIS D 12 6.81 -13.51 19.93
CA HIS D 12 5.74 -12.94 19.11
C HIS D 12 4.39 -13.46 19.60
N MET D 13 3.42 -12.56 19.63
CA MET D 13 2.08 -12.87 20.07
C MET D 13 1.11 -12.47 18.98
N LEU D 14 0.19 -13.37 18.63
CA LEU D 14 -0.76 -13.11 17.55
C LEU D 14 -2.16 -13.35 18.08
N GLN D 15 -3.02 -12.34 17.96
CA GLN D 15 -4.41 -12.44 18.40
C GLN D 15 -5.30 -12.05 17.23
N ILE D 16 -6.11 -13.01 16.79
CA ILE D 16 -7.17 -12.77 15.81
C ILE D 16 -8.51 -12.77 16.54
N SER D 17 -9.28 -11.71 16.37
CA SER D 17 -10.59 -11.60 17.03
C SER D 17 -11.67 -11.46 15.96
N TYR D 18 -12.56 -12.47 15.89
CA TYR D 18 -13.65 -12.48 14.92
C TYR D 18 -14.92 -12.00 15.62
N PHE D 19 -15.40 -10.82 15.26
CA PHE D 19 -16.57 -10.20 15.86
C PHE D 19 -17.79 -10.46 14.99
N ARG D 20 -18.75 -11.21 15.50
CA ARG D 20 -20.04 -11.32 14.83
C ARG D 20 -20.85 -10.04 15.04
N ASP D 21 -20.69 -9.44 16.21
CA ASP D 21 -21.35 -8.19 16.61
C ASP D 21 -20.56 -7.66 17.80
N PRO D 22 -20.89 -6.46 18.31
CA PRO D 22 -20.03 -5.89 19.36
C PRO D 22 -19.90 -6.77 20.59
N TYR D 23 -20.86 -7.65 20.84
CA TYR D 23 -20.88 -8.37 22.11
C TYR D 23 -20.33 -9.78 22.02
N HIS D 24 -20.17 -10.34 20.82
CA HIS D 24 -19.79 -11.74 20.64
C HIS D 24 -18.57 -11.83 19.74
N VAL D 25 -17.48 -12.37 20.26
CA VAL D 25 -16.22 -12.45 19.53
C VAL D 25 -15.66 -13.85 19.71
N TRP D 26 -15.07 -14.39 18.65
CA TRP D 26 -14.29 -15.62 18.73
C TRP D 26 -12.82 -15.28 18.55
N TYR D 27 -12.00 -15.66 19.53
CA TYR D 27 -10.58 -15.45 19.50
C TYR D 27 -9.85 -16.67 18.97
N GLN D 28 -8.83 -16.45 18.14
CA GLN D 28 -7.87 -17.49 17.71
C GLN D 28 -6.49 -16.85 17.70
N GLY D 29 -5.53 -17.51 18.33
CA GLY D 29 -4.20 -16.93 18.40
C GLY D 29 -3.19 -17.87 19.00
N ASN D 30 -1.97 -17.35 19.11
CA ASN D 30 -0.87 -18.12 19.66
C ASN D 30 0.28 -17.17 19.98
N ALA D 31 1.29 -17.74 20.65
CA ALA D 31 2.56 -17.05 20.89
C ALA D 31 3.69 -18.03 20.58
N SER D 32 4.80 -17.46 20.12
CA SER D 32 6.00 -18.21 19.80
C SER D 32 7.20 -17.55 20.45
N LEU D 33 8.06 -18.37 21.02
CA LEU D 33 9.30 -17.94 21.64
C LEU D 33 10.42 -18.57 20.83
N GLY D 34 11.37 -17.76 20.35
CA GLY D 34 12.21 -18.29 19.29
C GLY D 34 11.28 -18.61 18.13
N GLY D 35 11.54 -19.69 17.44
CA GLY D 35 10.60 -20.04 16.41
C GLY D 35 9.51 -21.02 16.81
N HIS D 36 9.31 -21.27 18.11
CA HIS D 36 8.52 -22.40 18.57
C HIS D 36 7.22 -21.94 19.25
N LEU D 37 6.11 -22.52 18.79
CA LEU D 37 4.82 -22.30 19.41
C LEU D 37 4.88 -22.63 20.89
N THR D 38 4.45 -21.70 21.73
CA THR D 38 4.45 -21.86 23.17
C THR D 38 3.07 -21.66 23.80
N HIS D 39 2.15 -20.95 23.15
CA HIS D 39 0.87 -20.66 23.76
C HIS D 39 -0.22 -20.69 22.71
N VAL D 40 -1.43 -21.01 23.15
CA VAL D 40 -2.56 -21.05 22.25
C VAL D 40 -3.66 -20.22 22.84
N LEU D 41 -4.28 -19.38 22.01
CA LEU D 41 -5.43 -18.58 22.36
C LEU D 41 -6.57 -19.07 21.49
N GLU D 42 -7.72 -19.37 22.09
CA GLU D 42 -8.84 -19.83 21.28
C GLU D 42 -10.14 -19.80 22.08
N GLY D 43 -11.21 -19.39 21.42
CA GLY D 43 -12.52 -19.59 22.00
C GLY D 43 -13.38 -18.34 22.05
N PRO D 44 -14.63 -18.52 22.48
CA PRO D 44 -15.56 -17.40 22.57
C PRO D 44 -15.18 -16.46 23.71
N ASP D 45 -15.71 -15.23 23.64
CA ASP D 45 -15.47 -14.30 24.74
C ASP D 45 -16.00 -14.86 26.06
N THR D 46 -17.02 -15.71 26.00
CA THR D 46 -17.61 -16.22 27.24
C THR D 46 -16.75 -17.28 27.90
N ASN D 47 -15.82 -17.89 27.16
CA ASN D 47 -14.87 -18.83 27.75
C ASN D 47 -13.66 -18.85 26.81
N THR D 48 -12.71 -17.96 27.05
CA THR D 48 -11.55 -17.89 26.20
C THR D 48 -10.46 -18.75 26.79
N THR D 49 -9.93 -19.66 25.97
CA THR D 49 -8.84 -20.48 26.42
C THR D 49 -7.52 -19.78 26.16
N ILE D 50 -6.69 -19.69 27.19
CA ILE D 50 -5.32 -19.21 27.03
C ILE D 50 -4.48 -20.22 27.77
N ILE D 51 -3.67 -20.95 27.03
CA ILE D 51 -2.99 -22.09 27.60
C ILE D 51 -1.54 -22.13 27.15
N GLN D 52 -0.68 -22.70 27.99
CA GLN D 52 0.69 -23.00 27.60
C GLN D 52 0.75 -24.34 26.89
N LEU D 53 1.22 -24.35 25.64
CA LEU D 53 1.51 -25.62 24.98
C LEU D 53 2.77 -26.20 25.58
N GLN D 54 3.73 -25.33 25.85
CA GLN D 54 4.93 -25.65 26.58
C GLN D 54 4.76 -25.01 27.94
N PRO D 55 4.76 -25.76 29.01
CA PRO D 55 4.51 -25.16 30.34
C PRO D 55 5.77 -24.50 30.86
N LEU D 56 6.13 -23.35 30.25
CA LEU D 56 7.36 -22.68 30.65
C LEU D 56 7.23 -22.05 32.04
N GLN D 57 6.05 -21.57 32.40
CA GLN D 57 5.84 -20.98 33.71
C GLN D 57 5.24 -22.00 34.66
N GLU D 58 5.73 -22.00 35.90
CA GLU D 58 5.12 -22.82 36.92
C GLU D 58 3.70 -22.33 37.18
N PRO D 59 2.82 -23.18 37.74
CA PRO D 59 1.39 -22.84 37.74
C PRO D 59 1.07 -21.51 38.41
N GLU D 60 1.69 -21.20 39.55
CA GLU D 60 1.37 -19.94 40.21
C GLU D 60 1.77 -18.77 39.33
N SER D 61 2.92 -18.89 38.70
CA SER D 61 3.38 -17.84 37.82
C SER D 61 2.47 -17.69 36.60
N TRP D 62 2.06 -18.82 36.01
CA TRP D 62 1.19 -18.75 34.84
C TRP D 62 -0.18 -18.19 35.20
N ALA D 63 -0.70 -18.55 36.38
CA ALA D 63 -2.00 -18.04 36.77
C ALA D 63 -2.00 -16.52 36.86
N ARG D 64 -0.90 -15.94 37.36
CA ARG D 64 -0.77 -14.48 37.42
C ARG D 64 -0.70 -13.87 36.02
N THR D 65 0.12 -14.45 35.14
CA THR D 65 0.19 -13.99 33.76
C THR D 65 -1.16 -14.10 33.08
N GLN D 66 -1.87 -15.20 33.35
CA GLN D 66 -3.19 -15.42 32.77
C GLN D 66 -4.16 -14.32 33.16
N SER D 67 -4.14 -13.89 34.42
CA SER D 67 -5.01 -12.80 34.85
C SER D 67 -4.69 -11.53 34.08
N GLY D 68 -3.41 -11.28 33.83
CA GLY D 68 -3.06 -10.11 33.03
C GLY D 68 -3.61 -10.22 31.63
N LEU D 69 -3.53 -11.42 31.05
CA LEU D 69 -4.08 -11.63 29.70
C LEU D 69 -5.59 -11.47 29.69
N GLN D 70 -6.27 -12.00 30.71
CA GLN D 70 -7.71 -11.83 30.80
C GLN D 70 -8.07 -10.34 30.91
N SER D 71 -7.33 -9.58 31.72
CA SER D 71 -7.59 -8.14 31.81
C SER D 71 -7.35 -7.45 30.47
N TYR D 72 -6.30 -7.86 29.75
CA TYR D 72 -6.08 -7.31 28.41
C TYR D 72 -7.26 -7.60 27.49
N LEU D 73 -7.76 -8.85 27.46
CA LEU D 73 -8.89 -9.15 26.58
C LEU D 73 -10.12 -8.29 26.94
N LEU D 74 -10.40 -8.10 28.23
CA LEU D 74 -11.51 -7.24 28.60
C LEU D 74 -11.28 -5.81 28.11
N GLN D 75 -10.05 -5.31 28.26
CA GLN D 75 -9.75 -3.95 27.82
C GLN D 75 -9.84 -3.85 26.31
N PHE D 76 -9.30 -4.85 25.62
CA PHE D 76 -9.37 -4.89 24.17
C PHE D 76 -10.82 -4.91 23.68
N HIS D 77 -11.64 -5.81 24.23
CA HIS D 77 -13.02 -5.91 23.78
C HIS D 77 -13.80 -4.63 24.11
N GLY D 78 -13.54 -4.06 25.29
CA GLY D 78 -14.26 -2.86 25.67
C GLY D 78 -13.98 -1.71 24.71
N LEU D 79 -12.73 -1.60 24.25
CA LEU D 79 -12.39 -0.54 23.31
C LEU D 79 -13.11 -0.76 21.99
N VAL D 80 -13.20 -2.01 21.53
CA VAL D 80 -13.96 -2.26 20.30
C VAL D 80 -15.41 -1.84 20.45
N ARG D 81 -16.04 -2.19 21.58
CA ARG D 81 -17.42 -1.77 21.81
C ARG D 81 -17.53 -0.25 21.83
N LEU D 82 -16.57 0.42 22.46
CA LEU D 82 -16.61 1.88 22.55
C LEU D 82 -16.55 2.52 21.16
N VAL D 83 -15.64 2.03 20.30
CA VAL D 83 -15.52 2.56 18.95
C VAL D 83 -16.83 2.35 18.20
N HIS D 84 -17.42 1.17 18.32
CA HIS D 84 -18.71 0.93 17.67
C HIS D 84 -19.78 1.87 18.20
N GLN D 85 -19.83 2.06 19.52
CA GLN D 85 -20.87 2.91 20.10
C GLN D 85 -20.76 4.35 19.62
N GLU D 86 -19.53 4.84 19.46
CA GLU D 86 -19.31 6.24 19.16
C GLU D 86 -19.23 6.53 17.65
N ARG D 87 -18.78 5.58 16.84
CA ARG D 87 -18.55 5.79 15.42
C ARG D 87 -19.21 4.76 14.52
N THR D 88 -19.86 3.73 15.09
CA THR D 88 -20.65 2.74 14.34
C THR D 88 -19.84 1.88 13.38
N LEU D 89 -19.22 0.81 13.88
CA LEU D 89 -18.49 -0.13 13.05
C LEU D 89 -19.44 -1.07 12.30
N ALA D 90 -19.04 -1.48 11.11
CA ALA D 90 -19.80 -2.46 10.35
C ALA D 90 -19.32 -3.85 10.70
N PHE D 91 -20.23 -4.70 11.21
CA PHE D 91 -19.95 -6.08 11.59
C PHE D 91 -20.57 -7.03 10.58
N PRO D 92 -20.01 -8.25 10.40
CA PRO D 92 -18.85 -8.82 11.12
C PRO D 92 -17.55 -8.18 10.67
N LEU D 93 -16.56 -8.21 11.55
CA LEU D 93 -15.23 -7.75 11.23
C LEU D 93 -14.23 -8.60 12.00
N THR D 94 -13.00 -8.62 11.49
CA THR D 94 -11.89 -9.32 12.12
C THR D 94 -10.83 -8.32 12.52
N ILE D 95 -10.29 -8.48 13.72
CA ILE D 95 -9.20 -7.65 14.21
C ILE D 95 -7.99 -8.54 14.42
N ARG D 96 -6.83 -8.07 13.94
CA ARG D 96 -5.56 -8.77 14.14
C ARG D 96 -4.66 -7.89 14.99
N CYS D 97 -4.19 -8.44 16.10
CA CYS D 97 -3.15 -7.79 16.90
C CYS D 97 -1.90 -8.67 16.86
N PHE D 98 -0.81 -8.09 16.41
CA PHE D 98 0.47 -8.78 16.30
C PHE D 98 1.46 -7.95 17.08
N LEU D 99 2.06 -8.56 18.10
CA LEU D 99 2.83 -7.79 19.08
C LEU D 99 3.95 -8.65 19.62
N GLY D 100 4.90 -8.01 20.26
CA GLY D 100 5.98 -8.74 20.87
C GLY D 100 7.24 -7.91 20.99
N CYS D 101 8.32 -8.62 21.28
CA CYS D 101 9.62 -8.02 21.51
C CYS D 101 10.68 -8.89 20.85
N GLU D 102 11.75 -8.25 20.41
CA GLU D 102 12.84 -8.92 19.71
C GLU D 102 14.12 -8.32 20.27
N LEU D 103 15.03 -9.19 20.71
CA LEU D 103 16.20 -8.75 21.45
C LEU D 103 17.45 -8.87 20.59
N PRO D 104 18.10 -7.76 20.23
CA PRO D 104 19.30 -7.84 19.39
C PRO D 104 20.38 -8.64 20.09
N PRO D 105 21.15 -9.44 19.34
CA PRO D 105 22.07 -10.40 20.00
C PRO D 105 23.04 -9.75 20.96
N GLU D 106 23.55 -8.57 20.62
CA GLU D 106 24.56 -7.91 21.46
C GLU D 106 23.96 -7.53 22.82
N GLY D 107 22.81 -6.87 22.82
CA GLY D 107 22.24 -6.34 24.04
C GLY D 107 21.78 -4.91 23.87
N SER D 108 21.72 -4.45 22.62
CA SER D 108 21.16 -3.14 22.32
C SER D 108 19.69 -3.11 22.71
N ARG D 109 19.08 -1.92 22.62
CA ARG D 109 17.70 -1.80 23.07
C ARG D 109 16.79 -2.70 22.27
N ALA D 110 15.76 -3.20 22.94
CA ALA D 110 14.88 -4.18 22.32
C ALA D 110 13.94 -3.50 21.34
N HIS D 111 13.62 -4.22 20.28
CA HIS D 111 12.53 -3.81 19.40
C HIS D 111 11.24 -4.40 19.93
N VAL D 112 10.24 -3.55 20.16
CA VAL D 112 8.91 -3.99 20.60
C VAL D 112 7.93 -3.37 19.63
N PHE D 113 6.77 -4.01 19.50
CA PHE D 113 5.81 -3.58 18.50
C PHE D 113 4.44 -4.06 18.89
N PHE D 114 3.45 -3.35 18.37
CA PHE D 114 2.06 -3.76 18.58
C PHE D 114 1.27 -3.17 17.41
N GLU D 115 0.89 -4.04 16.48
CA GLU D 115 0.27 -3.68 15.23
C GLU D 115 -1.15 -4.21 15.19
N VAL D 116 -2.09 -3.36 14.80
CA VAL D 116 -3.51 -3.72 14.75
C VAL D 116 -3.97 -3.59 13.30
N ALA D 117 -4.59 -4.65 12.80
CA ALA D 117 -5.23 -4.62 11.49
C ALA D 117 -6.72 -4.93 11.64
N VAL D 118 -7.50 -4.37 10.72
CA VAL D 118 -8.95 -4.54 10.70
C VAL D 118 -9.32 -5.12 9.36
N ASN D 119 -10.02 -6.25 9.38
CA ASN D 119 -10.39 -6.97 8.17
C ASN D 119 -9.16 -7.20 7.30
N GLY D 120 -8.03 -7.42 7.96
CA GLY D 120 -6.80 -7.72 7.24
C GLY D 120 -6.01 -6.53 6.76
N SER D 121 -6.44 -5.30 7.05
CA SER D 121 -5.72 -4.11 6.62
C SER D 121 -5.19 -3.35 7.83
N SER D 122 -3.96 -2.85 7.73
CA SER D 122 -3.35 -2.13 8.84
CA SER D 122 -3.36 -2.14 8.86
C SER D 122 -4.23 -0.95 9.28
N PHE D 123 -4.36 -0.78 10.59
CA PHE D 123 -5.28 0.19 11.16
C PHE D 123 -4.56 1.16 12.08
N VAL D 124 -3.99 0.66 13.17
CA VAL D 124 -3.19 1.47 14.09
C VAL D 124 -2.00 0.63 14.54
N SER D 125 -0.98 1.31 15.05
CA SER D 125 0.14 0.61 15.63
C SER D 125 0.75 1.48 16.69
N PHE D 126 1.45 0.83 17.60
CA PHE D 126 2.00 1.45 18.79
C PHE D 126 3.42 1.93 18.53
N ARG D 127 3.67 3.22 18.84
CA ARG D 127 5.00 3.81 18.73
C ARG D 127 5.59 3.96 20.12
N PRO D 128 6.55 3.12 20.51
CA PRO D 128 7.01 3.14 21.92
C PRO D 128 7.80 4.38 22.28
N GLU D 129 8.30 5.15 21.31
CA GLU D 129 9.08 6.33 21.63
C GLU D 129 8.34 7.24 22.61
N ARG D 130 7.08 7.56 22.31
CA ARG D 130 6.27 8.39 23.19
C ARG D 130 5.12 7.62 23.78
N ALA D 131 5.13 6.29 23.67
CA ALA D 131 4.01 5.46 24.11
C ALA D 131 2.70 5.95 23.49
N LEU D 132 2.74 6.17 22.18
CA LEU D 132 1.62 6.75 21.46
C LEU D 132 1.26 5.84 20.31
N TRP D 133 -0.04 5.78 20.01
CA TRP D 133 -0.52 5.05 18.85
C TRP D 133 -0.62 5.99 17.65
N GLN D 134 -0.35 5.45 16.45
CA GLN D 134 -0.46 6.20 15.21
C GLN D 134 -1.40 5.48 14.26
N ALA D 135 -1.96 6.23 13.31
CA ALA D 135 -2.78 5.62 12.27
C ALA D 135 -1.92 4.98 11.19
N ASP D 136 -2.32 3.78 10.76
CA ASP D 136 -1.75 3.07 9.62
C ASP D 136 -2.71 2.98 8.45
N THR D 137 -3.88 3.60 8.53
CA THR D 137 -4.86 3.52 7.46
C THR D 137 -4.42 4.33 6.25
N GLN D 138 -5.02 3.99 5.10
CA GLN D 138 -4.79 4.78 3.90
C GLN D 138 -5.70 6.00 3.83
N VAL D 139 -6.86 5.96 4.49
CA VAL D 139 -7.76 7.13 4.60
C VAL D 139 -8.08 7.25 6.07
N THR D 140 -7.67 8.34 6.68
CA THR D 140 -7.90 8.61 8.09
C THR D 140 -9.27 9.25 8.26
N SER D 141 -10.24 8.46 8.68
CA SER D 141 -11.63 8.86 8.94
C SER D 141 -11.87 8.92 10.44
N GLY D 142 -13.07 9.37 10.82
CA GLY D 142 -13.41 9.45 12.23
C GLY D 142 -13.22 8.17 13.03
N VAL D 143 -13.37 7.01 12.39
CA VAL D 143 -13.25 5.75 13.16
C VAL D 143 -11.82 5.61 13.71
N VAL D 144 -10.83 5.78 12.85
CA VAL D 144 -9.46 5.66 13.32
C VAL D 144 -9.09 6.83 14.22
N THR D 145 -9.55 8.05 13.88
CA THR D 145 -9.22 9.19 14.71
C THR D 145 -9.77 9.00 16.11
N PHE D 146 -11.03 8.60 16.24
CA PHE D 146 -11.60 8.35 17.56
C PHE D 146 -10.86 7.20 18.26
N THR D 147 -10.51 6.15 17.52
CA THR D 147 -9.77 5.05 18.14
C THR D 147 -8.45 5.53 18.73
N LEU D 148 -7.70 6.33 17.97
CA LEU D 148 -6.44 6.88 18.45
C LEU D 148 -6.65 7.83 19.63
N GLN D 149 -7.67 8.70 19.58
CA GLN D 149 -7.92 9.56 20.73
C GLN D 149 -8.09 8.73 21.98
N GLN D 150 -8.83 7.64 21.88
CA GLN D 150 -9.06 6.79 23.03
C GLN D 150 -7.78 6.09 23.46
N LEU D 151 -7.04 5.51 22.52
CA LEU D 151 -5.81 4.80 22.86
C LEU D 151 -4.77 5.74 23.46
N ASN D 152 -4.71 6.98 22.97
CA ASN D 152 -3.71 7.93 23.44
C ASN D 152 -4.16 8.73 24.65
N ALA D 153 -5.39 8.52 25.12
CA ALA D 153 -5.87 9.33 26.24
C ALA D 153 -5.55 8.71 27.60
N TYR D 154 -5.20 7.44 27.69
CA TYR D 154 -5.16 6.78 28.99
C TYR D 154 -3.83 6.12 29.26
N ASN D 155 -3.43 6.19 30.54
CA ASN D 155 -2.26 5.48 31.02
C ASN D 155 -2.29 3.98 30.70
N ARG D 156 -3.44 3.33 30.81
CA ARG D 156 -3.47 1.88 30.63
C ARG D 156 -3.15 1.47 29.20
N THR D 157 -3.53 2.27 28.22
CA THR D 157 -3.21 1.93 26.84
C THR D 157 -1.95 2.60 26.34
N ARG D 158 -1.24 3.35 27.19
CA ARG D 158 0.03 3.89 26.73
C ARG D 158 1.20 3.32 27.51
N TYR D 159 1.40 3.79 28.75
CA TYR D 159 2.60 3.44 29.49
C TYR D 159 2.52 2.02 30.05
N GLU D 160 1.32 1.57 30.44
CA GLU D 160 1.21 0.18 30.87
C GLU D 160 1.50 -0.78 29.75
N LEU D 161 1.02 -0.48 28.54
CA LEU D 161 1.33 -1.35 27.40
C LEU D 161 2.81 -1.30 27.08
N ARG D 162 3.43 -0.11 27.12
CA ARG D 162 4.86 -0.01 26.87
C ARG D 162 5.67 -0.85 27.86
N GLU D 163 5.32 -0.77 29.14
CA GLU D 163 5.99 -1.57 30.16
C GLU D 163 5.82 -3.06 29.89
N PHE D 164 4.63 -3.49 29.47
CA PHE D 164 4.46 -4.91 29.15
C PHE D 164 5.41 -5.31 28.02
N LEU D 165 5.52 -4.46 26.98
CA LEU D 165 6.37 -4.80 25.86
C LEU D 165 7.85 -4.70 26.23
N GLU D 166 8.25 -3.60 26.89
CA GLU D 166 9.66 -3.36 27.11
C GLU D 166 10.23 -4.08 28.33
N ASP D 167 9.38 -4.42 29.31
CA ASP D 167 9.83 -5.09 30.52
C ASP D 167 9.34 -6.52 30.61
N THR D 168 8.03 -6.76 30.60
CA THR D 168 7.50 -8.11 30.80
C THR D 168 7.91 -9.05 29.68
N CYS D 169 7.63 -8.65 28.43
CA CYS D 169 7.96 -9.47 27.27
C CYS D 169 9.47 -9.73 27.19
N VAL D 170 10.27 -8.67 27.32
CA VAL D 170 11.71 -8.82 27.23
C VAL D 170 12.22 -9.76 28.33
N GLN D 171 11.74 -9.59 29.56
CA GLN D 171 12.16 -10.45 30.66
C GLN D 171 11.72 -11.91 30.43
N TYR D 172 10.54 -12.12 29.84
CA TYR D 172 10.11 -13.47 29.50
C TYR D 172 11.11 -14.11 28.54
N VAL D 173 11.48 -13.38 27.48
CA VAL D 173 12.46 -13.89 26.53
C VAL D 173 13.78 -14.19 27.24
N GLN D 174 14.23 -13.26 28.08
CA GLN D 174 15.51 -13.47 28.76
C GLN D 174 15.45 -14.67 29.69
N LYS D 175 14.30 -14.86 30.35
CA LYS D 175 14.18 -15.96 31.30
C LYS D 175 14.12 -17.30 30.60
N HIS D 176 13.36 -17.41 29.50
CA HIS D 176 12.99 -18.72 28.99
C HIS D 176 13.70 -19.12 27.70
N ILE D 177 14.43 -18.22 27.06
CA ILE D 177 15.22 -18.61 25.90
C ILE D 177 16.59 -19.06 26.41
C1 NAG E . 0.02 -37.36 -16.02
C2 NAG E . -0.80 -38.65 -15.91
C3 NAG E . -0.43 -39.42 -14.65
C4 NAG E . 1.07 -39.61 -14.56
C5 NAG E . 1.76 -38.24 -14.70
C6 NAG E . 3.26 -38.32 -14.76
C7 NAG E . -2.99 -38.85 -16.93
C8 NAG E . -4.44 -38.44 -16.90
N2 NAG E . -2.21 -38.36 -15.97
O3 NAG E . -1.09 -40.70 -14.66
O4 NAG E . 1.44 -40.18 -13.30
O5 NAG E . 1.35 -37.65 -15.93
O6 NAG E . 3.68 -39.09 -15.88
O7 NAG E . -2.53 -39.62 -17.79
C1 FUC E . 4.72 -39.99 -15.46
C2 FUC E . 4.80 -41.21 -16.46
C3 FUC E . 5.51 -40.82 -17.79
C4 FUC E . 6.83 -40.11 -17.49
C5 FUC E . 6.58 -38.88 -16.61
C6 FUC E . 7.86 -38.12 -16.25
O2 FUC E . 3.52 -41.85 -16.67
O3 FUC E . 5.85 -41.99 -18.54
O4 FUC E . 7.74 -41.04 -16.83
O5 FUC E . 5.95 -39.26 -15.36
C1 NAG F . 2.88 -20.31 0.66
C2 NAG F . 4.24 -19.62 0.85
C3 NAG F . 5.33 -20.64 1.18
C4 NAG F . 4.88 -21.54 2.34
C5 NAG F . 3.53 -22.14 2.05
C6 NAG F . 2.96 -22.93 3.20
C7 NAG F . 4.37 -17.57 -0.51
C8 NAG F . 3.76 -16.85 0.66
N2 NAG F . 4.60 -18.88 -0.35
O3 NAG F . 6.52 -19.97 1.53
O4 NAG F . 5.82 -22.60 2.50
O5 NAG F . 2.58 -21.10 1.78
O6 NAG F . 1.68 -23.43 2.85
O7 NAG F . 4.67 -16.98 -1.54
C1 NAG F . 6.53 -22.45 3.74
C2 NAG F . 7.08 -23.83 4.08
C3 NAG F . 7.90 -23.78 5.37
C4 NAG F . 8.95 -22.67 5.29
C5 NAG F . 8.31 -21.35 4.88
C6 NAG F . 9.33 -20.27 4.63
C7 NAG F . 6.00 -25.96 3.52
C8 NAG F . 4.80 -26.84 3.73
N2 NAG F . 6.00 -24.80 4.19
O3 NAG F . 8.52 -25.03 5.58
O4 NAG F . 9.60 -22.52 6.55
O5 NAG F . 7.60 -21.53 3.65
O6 NAG F . 10.09 -20.54 3.46
O7 NAG F . 6.91 -26.29 2.76
C1 NAG G . -14.48 -25.82 -8.43
C2 NAG G . -15.37 -26.71 -7.53
C3 NAG G . -15.34 -26.22 -6.08
C4 NAG G . -13.90 -26.09 -5.60
C5 NAG G . -13.15 -25.16 -6.55
C6 NAG G . -11.69 -24.98 -6.20
C7 NAG G . -17.53 -25.77 -8.28
C8 NAG G . -18.92 -26.14 -8.74
N2 NAG G . -16.74 -26.82 -8.00
O3 NAG G . -16.05 -27.13 -5.25
O4 NAG G . -13.84 -25.64 -4.25
O5 NAG G . -13.18 -25.72 -7.87
O6 NAG G . -11.14 -26.19 -5.70
O7 NAG G . -17.16 -24.59 -8.19
C1 NAG G . -14.41 -24.08 -2.58
C2 NAG G . -13.17 -23.57 -1.84
C3 NAG G . -12.47 -24.72 -1.13
C4 NAG G . -12.01 -25.74 -2.15
C5 NAG G . -13.15 -26.05 -3.13
C6 NAG G . -13.38 -27.55 -3.28
C7 NAG G . -12.59 -22.02 -3.69
N2 NAG G . -12.24 -22.92 -2.76
O3 NAG G . -13.35 -25.33 -0.20
O4 NAG G . -10.90 -25.19 -2.85
O5 NAG G . -14.38 -25.50 -2.64
O6 NAG G . -13.59 -28.17 -2.02
O7 NAG G . -13.74 -21.64 -3.87
C1 NAG H . 19.97 24.12 3.16
C2 NAG H . 19.51 25.57 2.88
C3 NAG H . 18.15 25.57 2.17
C4 NAG H . 18.18 24.66 0.95
C5 NAG H . 18.68 23.29 1.36
C6 NAG H . 18.77 22.29 0.22
C7 NAG H . 18.79 26.11 5.20
C8 NAG H . 18.87 27.15 6.29
N2 NAG H . 19.46 26.40 4.08
O3 NAG H . 17.85 26.90 1.77
O4 NAG H . 16.87 24.53 0.42
O5 NAG H . 19.99 23.39 1.95
O6 NAG H . 19.46 22.83 -0.91
O7 NAG H . 18.16 25.06 5.35
C1 NAG H . 16.80 24.87 -0.98
C2 NAG H . 15.53 24.22 -1.61
C3 NAG H . 15.30 24.71 -3.04
C4 NAG H . 15.49 26.21 -3.20
C5 NAG H . 16.78 26.66 -2.54
C6 NAG H . 16.99 28.15 -2.59
C7 NAG H . 15.19 21.95 -0.66
C8 NAG H . 15.45 20.48 -0.87
N2 NAG H . 15.68 22.77 -1.60
O3 NAG H . 13.97 24.39 -3.43
O4 NAG H . 15.55 26.53 -4.58
O5 NAG H . 16.74 26.29 -1.16
O6 NAG H . 18.37 28.48 -2.42
O7 NAG H . 14.56 22.37 0.30
C1 NAG I . 40.15 22.20 -3.62
C2 NAG I . 41.42 21.72 -4.36
C3 NAG I . 42.49 22.80 -4.42
C4 NAG I . 41.91 24.13 -4.91
C5 NAG I . 40.73 24.50 -4.04
C6 NAG I . 40.11 25.85 -4.38
C7 NAG I . 41.72 19.31 -4.16
C8 NAG I . 42.34 18.18 -3.37
N2 NAG I . 41.96 20.54 -3.71
O3 NAG I . 43.55 22.35 -5.25
O4 NAG I . 42.88 25.12 -4.65
O5 NAG I . 39.71 23.50 -4.17
O6 NAG I . 39.12 26.17 -3.40
O7 NAG I . 41.04 19.12 -5.17
C1 FUC I . 37.78 25.90 -3.81
C2 FUC I . 36.97 25.66 -2.51
C3 FUC I . 36.86 27.00 -1.71
C4 FUC I . 36.35 28.15 -2.62
C5 FUC I . 37.20 28.25 -3.85
C6 FUC I . 36.67 29.34 -4.83
O2 FUC I . 37.55 24.63 -1.69
O3 FUC I . 35.95 26.86 -0.66
O4 FUC I . 34.96 27.95 -3.01
O5 FUC I . 37.26 26.98 -4.58
C1 NAG J . 17.09 11.20 -12.46
C2 NAG J . 17.06 9.90 -13.27
C3 NAG J . 17.82 10.07 -14.60
C4 NAG J . 17.33 11.29 -15.36
C5 NAG J . 17.41 12.51 -14.45
C6 NAG J . 16.83 13.75 -15.10
C7 NAG J . 16.93 7.99 -11.74
C8 NAG J . 17.71 6.93 -11.01
N2 NAG J . 17.66 8.82 -12.50
O3 NAG J . 17.62 8.90 -15.40
O4 NAG J . 18.24 11.54 -16.43
O5 NAG J . 16.63 12.28 -13.28
O6 NAG J . 17.73 14.85 -15.01
O7 NAG J . 15.71 8.07 -11.66
C1 NAG J . 17.74 11.33 -17.76
C2 NAG J . 18.65 12.14 -18.68
C3 NAG J . 18.27 11.93 -20.14
C4 NAG J . 18.28 10.45 -20.48
C5 NAG J . 17.36 9.69 -19.53
C6 NAG J . 17.43 8.19 -19.73
C7 NAG J . 19.75 14.30 -18.29
C8 NAG J . 19.56 15.72 -17.92
N2 NAG J . 18.63 13.55 -18.34
O3 NAG J . 19.22 12.60 -20.95
O4 NAG J . 17.83 10.28 -21.82
O5 NAG J . 17.74 9.94 -18.16
O6 NAG J . 17.29 7.49 -18.50
O7 NAG J . 20.86 13.82 -18.56
C1 NAG K . -3.95 12.75 4.34
C2 NAG K . -4.63 12.43 5.68
C3 NAG K . -4.23 13.46 6.76
C4 NAG K . -2.73 13.73 6.79
C5 NAG K . -2.26 14.05 5.37
C6 NAG K . -0.77 14.29 5.25
C7 NAG K . -6.82 11.42 5.21
C8 NAG K . -6.11 10.13 5.11
N2 NAG K . -6.06 12.48 5.50
O3 NAG K . -4.62 12.88 8.01
O4 NAG K . -2.48 14.88 7.59
O5 NAG K . -2.58 12.93 4.53
O6 NAG K . -0.01 13.12 5.54
O7 NAG K . -8.04 11.52 5.03
C1 NAG K . -2.25 14.63 9.00
C2 NAG K . -1.56 15.88 9.54
C3 NAG K . -1.32 15.76 11.04
C4 NAG K . -2.60 15.35 11.78
C5 NAG K . -3.25 14.15 11.12
C6 NAG K . -4.61 13.82 11.70
C7 NAG K . -0.09 17.23 8.12
C8 NAG K . 1.24 17.31 7.43
N2 NAG K . -0.32 16.12 8.82
O3 NAG K . -0.87 17.01 11.52
O4 NAG K . -2.26 15.04 13.14
O5 NAG K . -3.46 14.40 9.72
O6 NAG K . -5.09 12.58 11.18
O7 NAG K . -0.92 18.14 8.04
C1 BMA K . -3.14 15.68 14.11
C2 BMA K . -3.12 14.78 15.40
C3 BMA K . -3.54 15.57 16.63
C4 BMA K . -2.66 16.84 16.87
C5 BMA K . -2.04 17.45 15.56
C6 BMA K . -0.54 17.14 15.36
O2 BMA K . -1.83 14.25 15.67
O3 BMA K . -3.48 14.73 17.79
O4 BMA K . -3.46 17.81 17.52
O5 BMA K . -2.80 17.10 14.36
O6 BMA K . -0.16 17.53 14.05
C1 MAN K . -4.80 14.46 18.32
C2 MAN K . -4.63 13.91 19.75
C3 MAN K . -3.92 12.54 19.66
C4 MAN K . -4.72 11.58 18.77
C5 MAN K . -4.92 12.23 17.37
C6 MAN K . -5.79 11.44 16.42
O2 MAN K . -5.90 13.66 20.37
O3 MAN K . -3.71 11.97 20.95
O4 MAN K . -4.02 10.34 18.66
O5 MAN K . -5.53 13.58 17.51
O6 MAN K . -5.49 11.84 15.07
C1 NAG L . -0.80 17.40 -15.39
C2 NAG L . 0.66 17.52 -15.82
C3 NAG L . 1.56 16.64 -14.94
C4 NAG L . 1.30 16.90 -13.46
C5 NAG L . -0.19 16.78 -13.17
C6 NAG L . -0.54 17.10 -11.73
C7 NAG L . 1.31 18.02 -18.13
C8 NAG L . 1.68 19.39 -17.64
N2 NAG L . 0.83 17.16 -17.21
O3 NAG L . 2.91 16.91 -15.28
O4 NAG L . 1.93 15.93 -12.65
O5 NAG L . -0.93 17.68 -14.00
O6 NAG L . -1.04 18.42 -11.57
O7 NAG L . 1.45 17.71 -19.32
C1 NAG L . 3.17 16.36 -12.07
C2 NAG L . 3.34 15.63 -10.75
C3 NAG L . 4.72 15.90 -10.14
C4 NAG L . 5.82 15.59 -11.15
C5 NAG L . 5.56 16.40 -12.42
C6 NAG L . 6.56 16.11 -13.51
C7 NAG L . 1.38 15.12 -9.36
C8 NAG L . 0.38 15.66 -8.37
N2 NAG L . 2.29 15.99 -9.80
O3 NAG L . 4.88 15.10 -8.97
O4 NAG L . 7.10 15.91 -10.63
O5 NAG L . 4.27 16.07 -12.94
O6 NAG L . 5.99 15.28 -14.52
O7 NAG L . 1.36 13.95 -9.72
C1 NAG M . -9.52 34.32 -11.82
C2 NAG M . -9.52 35.84 -11.94
C3 NAG M . -8.98 36.29 -13.29
C4 NAG M . -7.63 35.66 -13.60
C5 NAG M . -7.77 34.14 -13.48
C6 NAG M . -6.47 33.41 -13.70
C7 NAG M . -11.24 37.07 -10.70
C8 NAG M . -12.67 37.53 -10.69
N2 NAG M . -10.87 36.35 -11.76
O3 NAG M . -8.86 37.70 -13.29
O4 NAG M . -7.25 36.01 -14.91
O5 NAG M . -8.21 33.81 -12.16
O6 NAG M . -5.44 33.91 -12.86
O7 NAG M . -10.46 37.34 -9.79
C1 FUC M . -4.74 32.91 -12.12
C2 FUC M . -3.38 33.55 -11.85
C3 FUC M . -3.53 34.77 -10.92
C4 FUC M . -4.32 34.38 -9.66
C5 FUC M . -5.64 33.72 -10.03
C6 FUC M . -6.35 33.15 -8.82
O2 FUC M . -2.74 33.93 -13.09
O3 FUC M . -2.27 35.19 -10.46
O4 FUC M . -3.54 33.47 -8.92
O5 FUC M . -5.40 32.62 -10.92
C1 NAG N . -1.14 -19.11 15.03
C2 NAG N . -0.96 -20.33 14.13
C3 NAG N . -1.18 -19.97 12.67
C4 NAG N . -2.50 -19.23 12.48
C5 NAG N . -2.54 -18.06 13.44
C6 NAG N . -3.82 -17.25 13.39
C7 NAG N . 0.52 -22.27 14.45
C8 NAG N . 1.93 -22.74 14.60
N2 NAG N . 0.34 -20.95 14.33
O3 NAG N . -1.13 -21.14 11.87
O4 NAG N . -2.61 -18.75 11.15
O5 NAG N . -2.40 -18.54 14.79
O6 NAG N . -4.96 -18.03 13.72
O7 NAG N . -0.44 -23.06 14.41
C1 NAG N . -3.32 -19.59 10.23
C2 NAG N . -3.86 -18.65 9.16
C3 NAG N . -4.52 -19.41 8.02
C4 NAG N . -3.60 -20.47 7.48
C5 NAG N . -3.09 -21.35 8.62
C6 NAG N . -2.03 -22.32 8.16
C7 NAG N . -4.47 -16.40 9.92
C8 NAG N . -3.09 -15.99 9.47
N2 NAG N . -4.78 -17.69 9.75
O3 NAG N . -4.83 -18.48 6.98
O4 NAG N . -4.26 -21.26 6.49
O5 NAG N . -2.47 -20.54 9.62
O6 NAG N . -0.97 -21.63 7.53
O7 NAG N . -5.27 -15.60 10.40
C1 NAG O . -14.11 -23.51 29.06
C2 NAG O . -14.96 -24.59 29.69
C3 NAG O . -14.08 -25.80 30.04
C4 NAG O . -13.32 -26.28 28.81
C5 NAG O . -12.53 -25.11 28.22
C6 NAG O . -11.88 -25.44 26.91
C7 NAG O . -16.98 -24.04 30.98
C8 NAG O . -17.51 -23.57 32.30
N2 NAG O . -15.64 -24.11 30.87
O3 NAG O . -14.89 -26.83 30.57
O4 NAG O . -12.42 -27.33 29.14
O5 NAG O . -13.43 -24.04 27.95
O6 NAG O . -12.79 -26.15 26.09
O7 NAG O . -17.71 -24.33 30.05
C1 FUC O . -12.78 -25.59 24.76
C2 FUC O . -13.37 -26.66 23.87
C3 FUC O . -14.82 -26.91 24.26
C4 FUC O . -15.62 -25.60 24.12
C5 FUC O . -14.96 -24.50 24.99
C6 FUC O . -15.60 -23.09 24.81
O2 FUC O . -12.61 -27.90 23.90
O3 FUC O . -15.37 -27.89 23.39
O4 FUC O . -15.63 -25.17 22.78
O5 FUC O . -13.53 -24.38 24.70
C1 NAG P . -15.34 -6.46 7.28
C2 NAG P . -16.17 -5.16 7.16
C3 NAG P . -17.66 -5.45 6.97
C4 NAG P . -17.89 -6.48 5.86
C5 NAG P . -17.05 -7.73 6.14
C6 NAG P . -17.17 -8.76 5.05
C7 NAG P . -15.11 -3.34 8.45
C8 NAG P . -14.23 -3.09 7.25
N2 NAG P . -16.00 -4.33 8.35
O3 NAG P . -18.33 -4.24 6.63
O4 NAG P . -19.26 -6.85 5.83
O5 NAG P . -15.68 -7.35 6.21
O6 NAG P . -16.71 -10.03 5.51
O7 NAG P . -15.01 -2.67 9.47
C1 NAG P . -19.88 -6.42 4.60
C2 NAG P . -21.13 -7.26 4.37
C3 NAG P . -21.87 -6.78 3.13
C4 NAG P . -22.12 -5.28 3.19
C5 NAG P . -20.82 -4.53 3.47
C6 NAG P . -21.02 -3.06 3.69
C7 NAG P . -21.04 -9.54 5.25
C8 NAG P . -20.63 -10.96 4.99
N2 NAG P . -20.80 -8.66 4.27
O3 NAG P . -23.10 -7.48 3.02
O4 NAG P . -22.68 -4.82 1.96
O5 NAG P . -20.22 -5.04 4.68
O6 NAG P . -21.07 -2.37 2.44
O7 NAG P . -21.58 -9.19 6.29
C1 PTY Q . -4.36 -14.89 -23.54
O4 PTY Q . -4.35 -14.45 -22.17
C5 PTY Q . -6.32 -15.26 -25.08
C6 PTY Q . -5.55 -15.78 -23.88
O7 PTY Q . -6.43 -15.91 -22.74
C8 PTY Q . -7.14 -17.04 -22.55
O10 PTY Q . -7.29 -17.90 -23.38
C11 PTY Q . -7.71 -17.11 -21.17
C12 PTY Q . -8.02 -18.52 -20.71
C13 PTY Q . -8.40 -18.55 -19.24
C14 PTY Q . -8.55 -19.97 -18.73
C15 PTY Q . -8.90 -20.14 -17.26
C16 PTY Q . -8.94 -21.59 -16.79
C17 PTY Q . -10.33 -22.13 -16.41
C18 PTY Q . -10.31 -23.62 -16.08
C19 PTY Q . -11.54 -24.50 -16.34
C20 PTY Q . -11.84 -24.85 -17.82
C21 PTY Q . -12.34 -23.65 -18.60
C22 PTY Q . -13.32 -23.90 -19.75
C23 PTY Q . -13.51 -22.63 -20.57
C24 PTY Q . -14.80 -22.54 -21.37
C25 PTY Q . -14.68 -21.74 -22.67
C26 PTY Q . -14.30 -20.25 -22.54
C30 PTY Q . -3.21 -14.56 -21.50
C31 PTY Q . -3.26 -13.94 -20.13
O30 PTY Q . -2.24 -15.11 -21.95
C32 PTY Q . -2.31 -14.50 -19.08
C33 PTY Q . -2.81 -14.16 -17.68
C34 PTY Q . -1.94 -14.63 -16.51
C35 PTY Q . -2.46 -14.05 -15.20
C36 PTY Q . -1.81 -14.59 -13.92
C37 PTY Q . -1.05 -13.54 -13.12
C38 PTY Q . -0.19 -14.11 -11.99
C39 PTY Q . 1.02 -14.86 -12.50
C40 PTY Q . 2.30 -14.57 -11.74
C41 PTY Q . 2.16 -14.57 -10.24
C42 PTY Q . 3.52 -14.49 -9.57
C43 PTY Q . 3.46 -14.49 -8.06
C44 PTY Q . 3.20 -15.89 -7.50
P1 PTY Q . -7.73 -16.27 -27.09
O11 PTY Q . -6.44 -15.43 -27.63
O12 PTY Q . -7.66 -17.69 -27.60
O13 PTY Q . -9.01 -15.47 -27.23
O14 PTY Q . -7.25 -16.21 -25.51
C1 EDO R . -17.00 -21.06 -10.32
O1 EDO R . -16.41 -21.73 -9.21
C2 EDO R . -16.39 -21.71 -11.55
O2 EDO R . -16.80 -23.07 -11.51
C1 PTY S . 28.06 6.86 10.55
O4 PTY S . 27.31 6.83 9.33
C5 PTY S . 28.69 8.34 12.44
C6 PTY S . 28.42 8.28 10.95
O7 PTY S . 27.32 9.14 10.59
C8 PTY S . 27.45 10.45 10.39
O10 PTY S . 28.42 11.12 10.62
C11 PTY S . 26.17 11.01 9.84
C12 PTY S . 26.41 12.01 8.75
C13 PTY S . 25.33 13.07 8.62
C14 PTY S . 25.54 13.89 7.35
C15 PTY S . 24.93 15.27 7.39
C16 PTY S . 24.87 15.89 6.00
C17 PTY S . 24.97 17.41 6.02
C18 PTY S . 26.36 17.79 6.48
C19 PTY S . 26.49 19.24 6.86
C20 PTY S . 26.17 19.41 8.34
C21 PTY S . 27.00 18.57 9.28
C22 PTY S . 26.70 18.89 10.73
C23 PTY S . 27.37 17.95 11.71
C24 PTY S . 26.99 18.19 13.17
C25 PTY S . 27.36 17.03 14.09
C26 PTY S . 26.30 15.95 14.22
C30 PTY S . 26.54 5.75 9.20
C31 PTY S . 25.61 5.72 8.00
O30 PTY S . 26.61 4.89 10.04
C32 PTY S . 26.14 5.19 6.68
C33 PTY S . 25.49 5.80 5.43
C34 PTY S . 23.97 5.61 5.31
C35 PTY S . 23.32 6.40 4.19
C36 PTY S . 22.58 5.56 3.15
C37 PTY S . 21.63 6.32 2.23
C38 PTY S . 21.25 5.53 0.98
C39 PTY S . 22.35 5.58 -0.07
C40 PTY S . 22.18 4.61 -1.24
C41 PTY S . 21.15 5.15 -2.21
C42 PTY S . 21.26 4.55 -3.60
C43 PTY S . 19.96 4.86 -4.34
C44 PTY S . 19.92 4.29 -5.74
P1 PTY S . 30.72 8.37 14.14
O11 PTY S . 30.32 6.86 14.63
O12 PTY S . 29.95 9.41 14.90
O13 PTY S . 32.21 8.53 14.01
O14 PTY S . 30.06 8.13 12.64
C1 EDO T . 19.22 21.59 7.97
O1 EDO T . 19.63 22.94 7.68
C2 EDO T . 17.72 21.55 7.85
O2 EDO T . 17.43 21.91 6.51
C1 EDO U . 11.78 14.41 -11.41
O1 EDO U . 11.70 14.78 -10.02
C2 EDO U . 11.94 15.68 -12.23
O2 EDO U . 12.07 15.31 -13.60
C1 PTY V . -22.27 17.22 -14.84
O4 PTY V . -21.56 16.03 -14.54
C5 PTY V . -22.73 16.31 -17.15
C6 PTY V . -22.19 17.48 -16.35
O7 PTY V . -20.85 17.90 -16.74
C8 PTY V . -19.73 17.16 -16.67
O10 PTY V . -19.69 15.99 -16.43
C11 PTY V . -18.52 18.00 -16.98
C12 PTY V . -17.15 17.36 -16.76
C13 PTY V . -17.02 16.43 -15.58
C14 PTY V . -15.59 15.88 -15.44
C15 PTY V . -14.51 16.95 -15.46
C16 PTY V . -13.22 16.41 -14.87
C17 PTY V . -12.24 17.47 -14.43
C18 PTY V . -10.94 17.42 -15.21
C19 PTY V . -10.17 18.72 -15.05
C20 PTY V . -9.27 19.06 -16.22
C21 PTY V . -9.92 20.02 -17.20
C22 PTY V . -10.31 19.28 -18.46
C23 PTY V . -11.30 19.98 -19.37
C24 PTY V . -12.00 18.96 -20.24
C25 PTY V . -12.73 19.53 -21.45
C26 PTY V . -13.03 18.44 -22.47
C27 PTY V . -13.65 17.25 -21.79
C28 PTY V . -15.13 17.16 -22.10
C29 PTY V . -15.34 16.64 -23.51
C30 PTY V . -22.17 15.11 -13.78
C31 PTY V . -21.19 14.14 -13.16
O30 PTY V . -23.36 15.07 -13.61
C32 PTY V . -21.03 14.26 -11.65
C33 PTY V . -20.05 13.19 -11.15
C34 PTY V . -19.51 13.43 -9.75
C35 PTY V . -18.22 12.66 -9.54
C36 PTY V . -17.68 12.63 -8.12
C37 PTY V . -16.35 11.88 -8.06
C38 PTY V . -15.54 12.12 -6.78
C39 PTY V . -15.85 11.17 -5.62
C40 PTY V . -14.85 11.43 -4.50
C41 PTY V . -15.34 11.42 -3.05
C42 PTY V . -14.17 11.08 -2.14
C43 PTY V . -14.27 11.64 -0.73
C44 PTY V . -13.62 10.73 0.31
P1 PTY V . -22.80 17.13 -19.65
O11 PTY V . -21.64 16.56 -20.66
O12 PTY V . -22.65 18.59 -19.37
O13 PTY V . -24.15 16.59 -20.01
O14 PTY V . -22.13 16.27 -18.42
C1 EDO W . -3.16 13.05 -18.54
O1 EDO W . -2.39 12.93 -17.33
C2 EDO W . -4.10 14.22 -18.37
O2 EDO W . -3.55 15.34 -19.12
C1 EDO X . -24.20 10.65 8.76
O1 EDO X . -24.18 9.30 8.22
C2 EDO X . -24.78 11.65 7.77
O2 EDO X . -24.22 12.97 7.94
C1 PTY Y . -1.95 -5.08 31.15
O4 PTY Y . -2.83 -4.70 30.08
C5 PTY Y . 0.29 -6.15 31.20
C6 PTY Y . -1.16 -6.32 30.79
O7 PTY Y . -1.22 -6.51 29.37
C8 PTY Y . -1.14 -7.72 28.83
O10 PTY Y . -1.19 -8.78 29.46
C11 PTY Y . -1.01 -7.60 27.33
C12 PTY Y . -1.29 -8.95 26.70
C13 PTY Y . -1.52 -8.84 25.20
C14 PTY Y . -1.23 -10.16 24.52
C15 PTY Y . -2.45 -10.91 24.01
C16 PTY Y . -2.06 -11.94 22.97
C17 PTY Y . -3.10 -13.05 22.87
C18 PTY Y . -2.55 -14.33 22.26
C19 PTY Y . -1.30 -14.92 22.91
C20 PTY Y . -1.56 -15.65 24.21
C21 PTY Y . -0.25 -16.09 24.85
C22 PTY Y . 0.45 -15.06 25.71
C23 PTY Y . 1.67 -15.64 26.39
C24 PTY Y . 2.76 -14.64 26.67
C25 PTY Y . 3.23 -14.58 28.11
C26 PTY Y . 3.38 -13.15 28.60
C27 PTY Y . 4.58 -12.43 28.02
C30 PTY Y . -2.39 -3.76 29.24
C31 PTY Y . -3.48 -2.86 28.68
O30 PTY Y . -1.22 -3.68 28.94
C32 PTY Y . -3.48 -2.98 27.17
C33 PTY Y . -4.72 -2.52 26.44
C34 PTY Y . -4.38 -2.21 24.97
C35 PTY Y . -5.52 -2.41 23.99
C36 PTY Y . -5.10 -2.54 22.53
C37 PTY Y . -6.30 -2.39 21.59
C38 PTY Y . -6.04 -2.47 20.10
C39 PTY Y . -6.95 -1.54 19.27
C40 PTY Y . -8.37 -2.10 19.06
C41 PTY Y . -9.39 -1.14 18.46
C42 PTY Y . -10.01 -1.65 17.16
C43 PTY Y . -10.82 -0.64 16.37
C44 PTY Y . -12.32 -0.85 16.43
P1 PTY Y . 1.98 -6.46 33.09
O11 PTY Y . 1.61 -6.25 34.68
O12 PTY Y . 2.81 -5.33 32.57
O13 PTY Y . 2.44 -7.86 32.81
O14 PTY Y . 0.42 -6.27 32.59
C1 EDO Z . 3.08 -16.86 16.98
O1 EDO Z . 3.67 -15.79 17.74
C2 EDO Z . 2.45 -16.20 15.77
O2 EDO Z . 3.34 -15.21 15.31
C1 EDO AA . -14.58 -10.43 26.09
O1 EDO AA . -14.78 -9.87 27.39
C2 EDO AA . -13.11 -10.66 25.77
O2 EDO AA . -12.36 -10.69 27.00
#